data_5HH4
#
_entry.id   5HH4
#
_cell.length_a   48.943
_cell.length_b   78.309
_cell.length_c   260.545
_cell.angle_alpha   90.00
_cell.angle_beta   90.00
_cell.angle_gamma   90.00
#
_symmetry.space_group_name_H-M   'P 21 21 21'
#
loop_
_entity.id
_entity.type
_entity.pdbx_description
1 polymer 'Beta-lactamase IMP-1'
2 non-polymer 'ZINC ION'
3 non-polymer '6-(phosphonomethyl)pyridine-2-carboxylic acid'
4 non-polymer 'CHLORIDE ION'
5 non-polymer 1,2-ETHANEDIOL
6 water water
#
_entity_poly.entity_id   1
_entity_poly.type   'polypeptide(L)'
_entity_poly.pdbx_seq_one_letter_code
;GPAESLPDLKIEKLDEGVYVHTSFEEVNGWGVVPKHGLVVLVNAEAYLIDTPFTAKDTEKLVTWFVERGYKIKGSISSHF
HSDSTGGIEWLNSRSIPTYASELTNELLKKDGKVQATNSFSGVNYWLVKNKIEVFYPGPGHTPDNVVVWLPERKILFGGC
FIKPYGLGNLGDANIEAWPKSAKLLKSKYGKAKLVVPSHSEVGDASLLKLTLEQAVKGLNESKKPSNPSN
;
_entity_poly.pdbx_strand_id   A,B,C,D
#
loop_
_chem_comp.id
_chem_comp.type
_chem_comp.name
_chem_comp.formula
60M non-polymer '6-(phosphonomethyl)pyridine-2-carboxylic acid' 'C7 H8 N O5 P'
CL non-polymer 'CHLORIDE ION' 'Cl -1'
EDO non-polymer 1,2-ETHANEDIOL 'C2 H6 O2'
ZN non-polymer 'ZINC ION' 'Zn 2'
#
# COMPACT_ATOMS: atom_id res chain seq x y z
N SER A 5 8.41 -1.63 20.16
CA SER A 5 9.21 -2.71 19.59
C SER A 5 8.35 -3.83 18.98
N LEU A 6 7.99 -3.63 17.72
CA LEU A 6 7.19 -4.54 16.90
C LEU A 6 7.87 -5.88 16.62
N PRO A 7 7.10 -6.97 16.57
CA PRO A 7 7.73 -8.26 16.26
C PRO A 7 8.38 -8.25 14.87
N ASP A 8 9.32 -9.17 14.70
CA ASP A 8 10.10 -9.31 13.48
C ASP A 8 9.27 -9.92 12.34
N LEU A 9 9.64 -9.59 11.12
CA LEU A 9 9.13 -10.29 9.93
C LEU A 9 9.26 -11.79 10.10
N LYS A 10 8.21 -12.54 9.81
CA LYS A 10 8.37 -13.98 9.82
C LYS A 10 7.96 -14.59 8.49
N ILE A 11 8.61 -15.68 8.16
CA ILE A 11 8.44 -16.38 6.89
C ILE A 11 8.26 -17.85 7.22
N GLU A 12 7.13 -18.42 6.83
CA GLU A 12 6.92 -19.83 7.09
C GLU A 12 6.22 -20.54 5.94
N LYS A 13 6.61 -21.79 5.74
CA LYS A 13 6.10 -22.57 4.61
C LYS A 13 4.67 -22.97 4.84
N LEU A 14 3.84 -22.79 3.82
CA LEU A 14 2.43 -23.11 3.88
C LEU A 14 2.17 -24.38 3.08
N ASP A 15 2.91 -24.53 1.98
CA ASP A 15 2.72 -25.62 1.06
C ASP A 15 3.94 -25.64 0.13
N GLU A 16 4.03 -26.64 -0.75
CA GLU A 16 5.12 -26.68 -1.71
C GLU A 16 5.11 -25.41 -2.57
N GLY A 17 6.22 -24.67 -2.52
CA GLY A 17 6.37 -23.47 -3.33
C GLY A 17 5.53 -22.30 -2.87
N VAL A 18 4.96 -22.39 -1.66
CA VAL A 18 4.13 -21.30 -1.14
C VAL A 18 4.50 -20.98 0.32
N TYR A 19 4.90 -19.73 0.54
CA TYR A 19 5.29 -19.28 1.87
C TYR A 19 4.38 -18.15 2.36
N VAL A 20 4.16 -18.07 3.66
CA VAL A 20 3.42 -16.94 4.21
C VAL A 20 4.40 -15.97 4.87
N HIS A 21 4.36 -14.69 4.49
CA HIS A 21 5.14 -13.71 5.21
C HIS A 21 4.22 -12.86 6.07
N THR A 22 4.67 -12.61 7.31
CA THR A 22 3.89 -11.85 8.26
C THR A 22 4.72 -10.70 8.76
N SER A 23 4.21 -9.49 8.58
CA SER A 23 4.89 -8.30 9.08
C SER A 23 3.95 -7.59 10.02
N PHE A 24 4.49 -6.66 10.80
CA PHE A 24 3.73 -6.03 11.86
C PHE A 24 3.85 -4.51 11.90
N GLU A 25 2.73 -3.84 12.14
CA GLU A 25 2.72 -2.38 12.30
C GLU A 25 1.76 -1.90 13.38
N GLU A 26 2.12 -0.80 14.03
CA GLU A 26 1.23 -0.12 14.97
C GLU A 26 0.34 0.84 14.18
N VAL A 27 -0.96 0.59 14.22
CA VAL A 27 -1.93 1.40 13.51
C VAL A 27 -2.92 1.98 14.52
N ASN A 28 -3.10 3.30 14.53
CA ASN A 28 -4.00 3.93 15.52
C ASN A 28 -5.42 3.37 15.57
N GLY A 29 -5.86 3.05 16.78
CA GLY A 29 -7.19 2.50 17.01
C GLY A 29 -7.25 0.99 16.89
N TRP A 30 -6.14 0.40 16.45
CA TRP A 30 -6.10 -1.04 16.22
C TRP A 30 -4.99 -1.67 17.04
N GLY A 31 -3.86 -0.98 17.17
CA GLY A 31 -2.77 -1.56 17.94
C GLY A 31 -1.80 -2.17 16.97
N VAL A 32 -1.11 -3.22 17.43
CA VAL A 32 -0.19 -3.95 16.58
C VAL A 32 -1.02 -4.85 15.66
N VAL A 33 -0.88 -4.62 14.36
CA VAL A 33 -1.62 -5.37 13.35
C VAL A 33 -0.68 -6.32 12.63
N PRO A 34 -0.99 -7.62 12.67
CA PRO A 34 -0.24 -8.57 11.83
C PRO A 34 -0.74 -8.47 10.38
N LYS A 35 0.15 -8.61 9.42
CA LYS A 35 -0.24 -8.66 8.02
C LYS A 35 0.41 -9.84 7.32
N HIS A 36 -0.42 -10.73 6.79
CA HIS A 36 0.02 -11.88 5.99
C HIS A 36 0.02 -11.56 4.51
N GLY A 37 1.08 -11.96 3.81
CA GLY A 37 1.13 -12.00 2.36
C GLY A 37 1.71 -13.35 1.98
N LEU A 38 1.92 -13.58 0.70
CA LEU A 38 2.55 -14.82 0.24
C LEU A 38 3.85 -14.56 -0.52
N VAL A 39 4.72 -15.57 -0.53
CA VAL A 39 5.72 -15.65 -1.58
C VAL A 39 5.47 -16.96 -2.33
N VAL A 40 5.33 -16.89 -3.65
CA VAL A 40 5.06 -18.08 -4.44
C VAL A 40 6.24 -18.38 -5.35
N LEU A 41 6.70 -19.63 -5.31
CA LEU A 41 7.84 -20.04 -6.11
C LEU A 41 7.41 -20.81 -7.35
N VAL A 42 7.91 -20.43 -8.51
CA VAL A 42 7.62 -21.10 -9.74
C VAL A 42 9.01 -21.34 -10.31
N ASN A 43 9.45 -22.58 -10.23
CA ASN A 43 10.79 -22.96 -10.63
C ASN A 43 11.76 -22.18 -9.77
N ALA A 44 12.66 -21.42 -10.34
CA ALA A 44 13.59 -20.68 -9.55
C ALA A 44 13.17 -19.22 -9.39
N GLU A 45 11.89 -18.90 -9.52
CA GLU A 45 11.50 -17.49 -9.54
C GLU A 45 10.47 -17.32 -8.43
N ALA A 46 10.57 -16.19 -7.72
CA ALA A 46 9.68 -15.89 -6.60
C ALA A 46 8.76 -14.73 -6.95
N TYR A 47 7.50 -14.84 -6.56
CA TYR A 47 6.53 -13.76 -6.70
C TYR A 47 5.98 -13.34 -5.34
N LEU A 48 6.04 -12.06 -5.04
CA LEU A 48 5.48 -11.52 -3.80
C LEU A 48 4.00 -11.26 -3.99
N ILE A 49 3.19 -11.88 -3.15
CA ILE A 49 1.77 -11.58 -3.12
C ILE A 49 1.52 -10.64 -1.92
N ASP A 50 1.35 -9.35 -2.24
CA ASP A 50 1.41 -8.23 -1.30
C ASP A 50 2.83 -8.02 -0.78
N THR A 51 3.17 -6.76 -0.55
CA THR A 51 4.43 -6.43 0.11
C THR A 51 4.13 -6.28 1.60
N PRO A 52 5.16 -6.49 2.44
CA PRO A 52 5.02 -6.08 3.84
C PRO A 52 4.70 -4.59 3.99
N PHE A 53 4.39 -4.19 5.22
CA PHE A 53 4.08 -2.80 5.51
C PHE A 53 5.17 -1.82 5.05
N THR A 54 6.43 -2.19 5.25
CA THR A 54 7.55 -1.25 5.10
C THR A 54 8.62 -1.67 4.10
N ALA A 55 9.40 -0.68 3.64
CA ALA A 55 10.56 -0.98 2.79
C ALA A 55 11.53 -1.91 3.52
N LYS A 56 11.76 -1.68 4.80
CA LYS A 56 12.69 -2.51 5.55
C LYS A 56 12.29 -3.99 5.51
N ASP A 57 11.03 -4.27 5.77
CA ASP A 57 10.61 -5.68 5.81
C ASP A 57 10.53 -6.26 4.39
N THR A 58 10.21 -5.43 3.42
CA THR A 58 10.20 -5.88 2.03
C THR A 58 11.62 -6.29 1.63
N GLU A 59 12.61 -5.48 1.99
CA GLU A 59 13.99 -5.84 1.70
C GLU A 59 14.43 -7.15 2.38
N LYS A 60 14.13 -7.27 3.67
CA LYS A 60 14.38 -8.51 4.41
C LYS A 60 13.76 -9.72 3.71
N LEU A 61 12.49 -9.59 3.34
CA LEU A 61 11.75 -10.66 2.67
C LEU A 61 12.47 -11.07 1.38
N VAL A 62 12.78 -10.08 0.54
CA VAL A 62 13.46 -10.32 -0.71
C VAL A 62 14.83 -10.98 -0.50
N THR A 63 15.58 -10.46 0.47
CA THR A 63 16.91 -10.97 0.78
C THR A 63 16.87 -12.44 1.19
N TRP A 64 15.87 -12.79 1.98
CA TRP A 64 15.71 -14.16 2.44
C TRP A 64 15.59 -15.16 1.30
N PHE A 65 14.82 -14.81 0.27
CA PHE A 65 14.60 -15.72 -0.86
C PHE A 65 15.76 -15.70 -1.87
N VAL A 66 16.34 -14.52 -2.09
CA VAL A 66 17.48 -14.44 -3.00
C VAL A 66 18.66 -15.24 -2.44
N GLU A 67 18.86 -15.17 -1.12
CA GLU A 67 19.96 -15.91 -0.50
C GLU A 67 19.76 -17.42 -0.55
N ARG A 68 18.54 -17.84 -0.86
CA ARG A 68 18.23 -19.26 -1.00
C ARG A 68 18.10 -19.68 -2.46
N GLY A 69 18.52 -18.80 -3.36
CA GLY A 69 18.58 -19.13 -4.76
C GLY A 69 17.40 -18.74 -5.62
N TYR A 70 16.45 -17.98 -5.08
CA TYR A 70 15.27 -17.59 -5.86
C TYR A 70 15.37 -16.14 -6.36
N LYS A 71 15.21 -15.96 -7.67
CA LYS A 71 15.15 -14.61 -8.25
C LYS A 71 13.76 -13.99 -8.06
N ILE A 72 13.68 -12.73 -7.64
CA ILE A 72 12.36 -12.12 -7.48
C ILE A 72 11.86 -11.60 -8.82
N LYS A 73 10.83 -12.24 -9.35
CA LYS A 73 10.34 -11.91 -10.67
C LYS A 73 9.31 -10.79 -10.64
N GLY A 74 8.62 -10.62 -9.52
CA GLY A 74 7.68 -9.53 -9.40
C GLY A 74 6.84 -9.58 -8.14
N SER A 75 6.06 -8.54 -7.92
CA SER A 75 5.11 -8.48 -6.81
C SER A 75 3.76 -8.05 -7.34
N ILE A 76 2.70 -8.46 -6.66
CA ILE A 76 1.39 -7.94 -6.97
C ILE A 76 0.76 -7.47 -5.67
N SER A 77 0.10 -6.33 -5.69
CA SER A 77 -0.54 -5.81 -4.49
C SER A 77 -2.06 -5.96 -4.61
N SER A 78 -2.68 -6.53 -3.56
CA SER A 78 -4.11 -6.90 -3.62
C SER A 78 -5.06 -5.71 -3.45
N HIS A 79 -4.59 -4.59 -2.88
CA HIS A 79 -5.35 -3.35 -2.89
C HIS A 79 -4.42 -2.21 -2.49
N PHE A 80 -4.93 -0.98 -2.44
CA PHE A 80 -4.06 0.19 -2.37
C PHE A 80 -3.52 0.54 -0.98
N HIS A 81 -4.12 0.00 0.08
CA HIS A 81 -3.65 0.31 1.44
C HIS A 81 -2.19 -0.08 1.63
N SER A 82 -1.49 0.58 2.56
CA SER A 82 -0.05 0.40 2.64
C SER A 82 0.33 -0.99 3.17
N ASP A 83 -0.62 -1.72 3.79
CA ASP A 83 -0.26 -3.07 4.22
C ASP A 83 -0.15 -4.04 3.03
N SER A 84 -0.52 -3.59 1.83
CA SER A 84 -0.30 -4.38 0.62
C SER A 84 0.72 -3.73 -0.32
N THR A 85 0.93 -2.42 -0.15
CA THR A 85 1.72 -1.64 -1.11
C THR A 85 2.94 -0.91 -0.53
N GLY A 86 3.19 -1.04 0.78
CA GLY A 86 4.25 -0.28 1.44
C GLY A 86 5.62 -0.47 0.84
N GLY A 87 5.86 -1.67 0.34
CA GLY A 87 7.09 -2.08 -0.30
C GLY A 87 7.31 -1.72 -1.78
N ILE A 88 6.27 -1.27 -2.46
CA ILE A 88 6.37 -1.01 -3.91
C ILE A 88 7.51 -0.06 -4.27
N GLU A 89 7.65 1.06 -3.55
CA GLU A 89 8.70 2.02 -3.88
C GLU A 89 10.06 1.35 -3.83
N TRP A 90 10.32 0.60 -2.76
CA TRP A 90 11.60 -0.09 -2.64
C TRP A 90 11.81 -1.11 -3.76
N LEU A 91 10.78 -1.90 -4.07
CA LEU A 91 10.90 -2.86 -5.17
C LEU A 91 11.20 -2.15 -6.50
N ASN A 92 10.51 -1.03 -6.75
CA ASN A 92 10.75 -0.26 -7.98
C ASN A 92 12.23 0.19 -8.06
N SER A 93 12.77 0.63 -6.93
CA SER A 93 14.17 1.09 -6.88
C SER A 93 15.14 -0.04 -7.21
N ARG A 94 14.70 -1.29 -7.04
CA ARG A 94 15.55 -2.42 -7.38
C ARG A 94 15.22 -3.04 -8.74
N SER A 95 14.41 -2.33 -9.53
CA SER A 95 13.96 -2.82 -10.84
C SER A 95 13.29 -4.17 -10.76
N ILE A 96 12.61 -4.43 -9.65
CA ILE A 96 11.75 -5.61 -9.57
C ILE A 96 10.35 -5.18 -10.01
N PRO A 97 9.79 -5.84 -11.05
CA PRO A 97 8.48 -5.43 -11.58
C PRO A 97 7.39 -5.46 -10.50
N THR A 98 6.62 -4.39 -10.38
CA THR A 98 5.50 -4.36 -9.42
C THR A 98 4.19 -4.26 -10.21
N TYR A 99 3.17 -4.96 -9.75
CA TYR A 99 1.86 -5.03 -10.42
C TYR A 99 0.76 -4.62 -9.45
N ALA A 100 -0.25 -3.94 -9.99
CA ALA A 100 -1.49 -3.67 -9.24
C ALA A 100 -2.56 -3.45 -10.28
N SER A 101 -3.82 -3.54 -9.88
CA SER A 101 -4.89 -3.26 -10.83
C SER A 101 -4.87 -1.80 -11.24
N GLU A 102 -5.53 -1.51 -12.35
CA GLU A 102 -5.68 -0.14 -12.80
C GLU A 102 -6.31 0.74 -11.74
N LEU A 103 -7.36 0.23 -11.09
CA LEU A 103 -8.01 1.01 -10.04
C LEU A 103 -7.08 1.22 -8.85
N THR A 104 -6.38 0.17 -8.45
CA THR A 104 -5.44 0.30 -7.33
C THR A 104 -4.40 1.38 -7.62
N ASN A 105 -3.84 1.37 -8.82
CA ASN A 105 -2.82 2.38 -9.18
C ASN A 105 -3.41 3.78 -9.18
N GLU A 106 -4.66 3.89 -9.61
CA GLU A 106 -5.36 5.16 -9.59
C GLU A 106 -5.52 5.69 -8.16
N LEU A 107 -5.86 4.79 -7.24
CA LEU A 107 -6.04 5.19 -5.85
C LEU A 107 -4.71 5.53 -5.20
N LEU A 108 -3.67 4.79 -5.52
CA LEU A 108 -2.33 5.14 -5.04
C LEU A 108 -1.96 6.53 -5.55
N LYS A 109 -2.15 6.76 -6.84
CA LYS A 109 -1.79 8.03 -7.47
C LYS A 109 -2.55 9.19 -6.83
N LYS A 110 -3.83 8.97 -6.59
CA LYS A 110 -4.68 9.97 -5.95
C LYS A 110 -4.18 10.35 -4.55
N ASP A 111 -3.65 9.36 -3.83
CA ASP A 111 -3.14 9.58 -2.49
C ASP A 111 -1.68 10.06 -2.46
N GLY A 112 -1.12 10.36 -3.63
CA GLY A 112 0.25 10.82 -3.72
C GLY A 112 1.29 9.78 -3.32
N LYS A 113 0.94 8.51 -3.54
CA LYS A 113 1.82 7.37 -3.22
C LYS A 113 2.45 6.80 -4.49
N VAL A 114 3.56 6.10 -4.34
CA VAL A 114 4.19 5.45 -5.49
C VAL A 114 3.29 4.36 -6.07
N GLN A 115 3.21 4.30 -7.40
CA GLN A 115 2.41 3.30 -8.10
C GLN A 115 3.23 2.08 -8.55
N ALA A 116 2.55 0.98 -8.79
CA ALA A 116 3.19 -0.17 -9.40
C ALA A 116 3.56 0.19 -10.81
N THR A 117 4.64 -0.42 -11.31
CA THR A 117 5.09 -0.14 -12.66
C THR A 117 4.22 -0.81 -13.75
N ASN A 118 3.47 -1.84 -13.36
CA ASN A 118 2.59 -2.57 -14.27
C ASN A 118 1.14 -2.59 -13.78
N SER A 119 0.17 -2.33 -14.67
CA SER A 119 -1.21 -2.44 -14.22
C SER A 119 -2.00 -3.38 -15.08
N PHE A 120 -3.10 -3.88 -14.54
CA PHE A 120 -3.99 -4.75 -15.31
C PHE A 120 -5.44 -4.31 -15.08
N SER A 121 -6.28 -4.52 -16.05
CA SER A 121 -7.67 -4.13 -16.00
C SER A 121 -8.62 -5.25 -16.41
N GLY A 122 -9.69 -5.50 -15.67
CA GLY A 122 -10.58 -6.60 -15.98
C GLY A 122 -10.76 -7.51 -14.78
N VAL A 123 -11.72 -8.41 -14.88
CA VAL A 123 -12.13 -9.21 -13.73
C VAL A 123 -11.11 -10.30 -13.42
N ASN A 124 -10.54 -10.89 -14.47
CA ASN A 124 -9.52 -11.92 -14.32
C ASN A 124 -8.19 -11.47 -14.93
N TYR A 125 -7.08 -11.87 -14.34
CA TYR A 125 -5.75 -11.58 -14.91
C TYR A 125 -4.77 -12.67 -14.49
N TRP A 126 -4.00 -13.20 -15.44
CA TRP A 126 -2.94 -14.14 -15.10
C TRP A 126 -1.66 -13.35 -14.83
N LEU A 127 -1.20 -13.36 -13.58
CA LEU A 127 0.12 -12.84 -13.29
C LEU A 127 1.16 -13.81 -13.87
N VAL A 128 0.93 -15.10 -13.68
CA VAL A 128 1.72 -16.16 -14.31
C VAL A 128 0.72 -17.19 -14.84
N LYS A 129 0.64 -17.35 -16.16
CA LYS A 129 -0.49 -18.14 -16.68
C LYS A 129 -0.41 -19.56 -16.13
N ASN A 130 -1.57 -20.08 -15.76
CA ASN A 130 -1.73 -21.40 -15.13
C ASN A 130 -1.10 -21.57 -13.75
N LYS A 131 -0.55 -20.51 -13.17
CA LYS A 131 0.07 -20.67 -11.83
C LYS A 131 -0.41 -19.65 -10.82
N ILE A 132 -0.52 -18.39 -11.24
CA ILE A 132 -0.95 -17.33 -10.34
C ILE A 132 -2.01 -16.45 -11.00
N GLU A 133 -3.25 -16.55 -10.51
CA GLU A 133 -4.36 -15.82 -11.12
C GLU A 133 -4.85 -14.72 -10.18
N VAL A 134 -5.30 -13.61 -10.75
CA VAL A 134 -5.85 -12.51 -9.98
C VAL A 134 -7.32 -12.43 -10.31
N PHE A 135 -8.16 -12.22 -9.30
CA PHE A 135 -9.60 -12.15 -9.54
C PHE A 135 -10.20 -10.98 -8.77
N TYR A 136 -11.07 -10.22 -9.44
CA TYR A 136 -11.77 -9.14 -8.79
C TYR A 136 -13.21 -9.52 -8.41
N PRO A 137 -13.50 -9.68 -7.10
CA PRO A 137 -14.85 -10.09 -6.73
C PRO A 137 -15.85 -8.94 -6.66
N GLY A 138 -15.36 -7.70 -6.75
CA GLY A 138 -16.21 -6.54 -6.52
C GLY A 138 -15.81 -5.85 -5.23
N PRO A 139 -16.36 -4.64 -5.00
CA PRO A 139 -16.04 -3.84 -3.80
C PRO A 139 -16.39 -4.57 -2.50
N GLY A 140 -15.56 -4.36 -1.48
CA GLY A 140 -15.85 -4.88 -0.16
C GLY A 140 -15.10 -4.04 0.85
N HIS A 141 -13.98 -4.57 1.32
CA HIS A 141 -13.05 -3.84 2.17
C HIS A 141 -12.58 -2.51 1.56
N THR A 142 -12.32 -2.53 0.26
CA THR A 142 -12.01 -1.33 -0.52
C THR A 142 -12.67 -1.46 -1.89
N PRO A 143 -12.75 -0.36 -2.66
CA PRO A 143 -13.36 -0.52 -3.99
C PRO A 143 -12.55 -1.39 -4.92
N ASP A 144 -11.25 -1.50 -4.64
CA ASP A 144 -10.30 -2.09 -5.59
C ASP A 144 -9.83 -3.48 -5.21
N ASN A 145 -10.29 -4.03 -4.08
CA ASN A 145 -9.66 -5.25 -3.59
C ASN A 145 -9.76 -6.46 -4.54
N VAL A 146 -8.63 -7.14 -4.72
CA VAL A 146 -8.59 -8.37 -5.53
C VAL A 146 -8.03 -9.52 -4.73
N VAL A 147 -8.25 -10.74 -5.22
CA VAL A 147 -7.72 -11.92 -4.56
C VAL A 147 -6.78 -12.61 -5.53
N VAL A 148 -5.95 -13.49 -5.01
CA VAL A 148 -4.98 -14.20 -5.82
C VAL A 148 -5.17 -15.71 -5.60
N TRP A 149 -5.29 -16.43 -6.71
CA TRP A 149 -5.61 -17.85 -6.70
C TRP A 149 -4.44 -18.64 -7.25
N LEU A 150 -4.07 -19.69 -6.53
CA LEU A 150 -3.03 -20.61 -6.98
C LEU A 150 -3.67 -21.94 -7.35
N PRO A 151 -4.03 -22.13 -8.63
CA PRO A 151 -4.81 -23.30 -9.08
C PRO A 151 -4.11 -24.64 -8.82
N GLU A 152 -2.79 -24.65 -8.91
CA GLU A 152 -2.01 -25.87 -8.71
C GLU A 152 -2.11 -26.38 -7.26
N ARG A 153 -2.34 -25.45 -6.35
CA ARG A 153 -2.32 -25.76 -4.94
C ARG A 153 -3.67 -25.58 -4.28
N LYS A 154 -4.63 -25.02 -5.01
CA LYS A 154 -5.96 -24.71 -4.48
C LYS A 154 -5.88 -23.77 -3.27
N ILE A 155 -5.01 -22.78 -3.37
CA ILE A 155 -4.82 -21.80 -2.30
C ILE A 155 -5.31 -20.43 -2.75
N LEU A 156 -6.18 -19.84 -1.94
CA LEU A 156 -6.67 -18.49 -2.18
C LEU A 156 -6.08 -17.50 -1.19
N PHE A 157 -5.38 -16.49 -1.70
CA PHE A 157 -5.01 -15.35 -0.89
C PHE A 157 -6.13 -14.34 -0.92
N GLY A 158 -6.77 -14.12 0.21
CA GLY A 158 -7.95 -13.28 0.24
C GLY A 158 -7.67 -11.83 0.58
N GLY A 159 -6.47 -11.57 1.08
CA GLY A 159 -6.12 -10.22 1.49
C GLY A 159 -7.04 -9.67 2.56
N CYS A 160 -7.30 -8.37 2.51
CA CYS A 160 -8.09 -7.72 3.56
C CYS A 160 -9.60 -7.84 3.30
N PHE A 161 -9.96 -8.51 2.21
CA PHE A 161 -11.35 -8.83 1.89
C PHE A 161 -11.91 -9.96 2.79
N ILE A 162 -11.06 -10.93 3.11
CA ILE A 162 -11.47 -12.05 3.95
C ILE A 162 -11.40 -11.60 5.41
N LYS A 163 -12.57 -11.55 6.03
CA LYS A 163 -12.73 -10.99 7.38
C LYS A 163 -13.69 -11.89 8.17
N PRO A 164 -13.21 -13.03 8.65
CA PRO A 164 -14.16 -14.01 9.19
C PRO A 164 -14.76 -13.66 10.56
N TYR A 165 -14.15 -12.75 11.33
CA TYR A 165 -14.63 -12.49 12.70
C TYR A 165 -14.89 -11.01 12.97
N GLY A 166 -15.08 -10.24 11.90
CA GLY A 166 -15.24 -8.81 12.00
C GLY A 166 -14.56 -8.12 10.82
N LEU A 167 -15.20 -7.06 10.31
CA LEU A 167 -14.83 -6.43 9.04
C LEU A 167 -13.61 -5.52 9.08
N GLY A 168 -13.15 -5.17 10.28
CA GLY A 168 -11.95 -4.35 10.40
C GLY A 168 -12.18 -2.89 10.05
N ASN A 169 -11.17 -2.24 9.48
CA ASN A 169 -11.29 -0.84 9.18
C ASN A 169 -12.25 -0.59 8.02
N LEU A 170 -13.36 0.11 8.30
CA LEU A 170 -14.38 0.37 7.30
C LEU A 170 -14.24 1.71 6.56
N GLY A 171 -13.13 2.42 6.82
CA GLY A 171 -12.93 3.74 6.26
C GLY A 171 -13.10 3.88 4.74
N ASP A 172 -12.62 2.89 4.01
CA ASP A 172 -12.71 2.92 2.55
C ASP A 172 -13.61 1.82 2.04
N ALA A 173 -14.40 1.24 2.96
CA ALA A 173 -15.19 0.07 2.62
C ALA A 173 -16.49 0.43 1.90
N ASN A 174 -17.01 -0.54 1.15
CA ASN A 174 -18.32 -0.46 0.50
C ASN A 174 -19.21 -1.52 1.12
N ILE A 175 -19.86 -1.16 2.21
CA ILE A 175 -20.62 -2.12 2.98
C ILE A 175 -21.85 -2.63 2.22
N GLU A 176 -22.38 -1.82 1.32
CA GLU A 176 -23.54 -2.20 0.50
C GLU A 176 -23.18 -3.34 -0.46
N ALA A 177 -21.98 -3.28 -1.01
CA ALA A 177 -21.56 -4.20 -2.07
C ALA A 177 -20.93 -5.48 -1.54
N TRP A 178 -20.35 -5.40 -0.35
CA TRP A 178 -19.54 -6.49 0.19
C TRP A 178 -20.29 -7.85 0.26
N PRO A 179 -21.57 -7.89 0.69
CA PRO A 179 -22.23 -9.20 0.69
C PRO A 179 -22.31 -9.84 -0.69
N LYS A 180 -22.63 -9.07 -1.73
CA LYS A 180 -22.66 -9.62 -3.08
C LYS A 180 -21.26 -10.05 -3.59
N SER A 181 -20.24 -9.24 -3.30
CA SER A 181 -18.87 -9.57 -3.69
C SER A 181 -18.43 -10.86 -2.99
N ALA A 182 -18.78 -11.02 -1.73
CA ALA A 182 -18.45 -12.19 -0.95
C ALA A 182 -19.14 -13.41 -1.51
N LYS A 183 -20.36 -13.21 -1.97
CA LYS A 183 -21.13 -14.29 -2.53
C LYS A 183 -20.44 -14.84 -3.77
N LEU A 184 -19.99 -13.94 -4.61
CA LEU A 184 -19.28 -14.32 -5.82
C LEU A 184 -17.96 -15.02 -5.53
N LEU A 185 -17.24 -14.54 -4.55
CA LEU A 185 -15.98 -15.15 -4.19
C LEU A 185 -16.18 -16.54 -3.70
N LYS A 186 -17.15 -16.72 -2.84
CA LYS A 186 -17.49 -18.01 -2.29
C LYS A 186 -17.85 -19.00 -3.39
N SER A 187 -18.65 -18.56 -4.36
CA SER A 187 -19.07 -19.46 -5.43
C SER A 187 -17.89 -19.88 -6.28
N LYS A 188 -16.99 -18.93 -6.54
CA LYS A 188 -15.86 -19.20 -7.41
C LYS A 188 -14.83 -20.12 -6.73
N TYR A 189 -14.62 -19.95 -5.44
CA TYR A 189 -13.54 -20.66 -4.78
C TYR A 189 -13.98 -21.58 -3.62
N GLY A 190 -15.22 -22.07 -3.68
CA GLY A 190 -15.67 -23.03 -2.68
C GLY A 190 -14.75 -24.23 -2.59
N LYS A 191 -14.04 -24.49 -3.69
CA LYS A 191 -13.13 -25.62 -3.82
C LYS A 191 -11.76 -25.40 -3.15
N ALA A 192 -11.53 -24.22 -2.57
CA ALA A 192 -10.22 -23.90 -1.99
C ALA A 192 -9.83 -24.83 -0.85
N LYS A 193 -8.58 -25.31 -0.87
CA LYS A 193 -8.04 -26.06 0.26
C LYS A 193 -7.71 -25.10 1.38
N LEU A 194 -7.01 -24.03 1.05
CA LEU A 194 -6.62 -23.02 2.05
C LEU A 194 -7.04 -21.61 1.62
N VAL A 195 -7.45 -20.82 2.59
CA VAL A 195 -7.78 -19.41 2.39
C VAL A 195 -6.92 -18.61 3.34
N VAL A 196 -6.14 -17.68 2.80
CA VAL A 196 -5.19 -16.87 3.57
C VAL A 196 -5.69 -15.43 3.69
N PRO A 197 -6.18 -15.05 4.87
CA PRO A 197 -6.59 -13.65 5.09
C PRO A 197 -5.40 -12.76 5.41
N SER A 198 -5.59 -11.45 5.31
CA SER A 198 -4.54 -10.51 5.67
C SER A 198 -4.26 -10.48 7.17
N HIS A 199 -5.32 -10.54 7.97
CA HIS A 199 -5.17 -10.24 9.40
C HIS A 199 -5.66 -11.29 10.37
N SER A 200 -6.09 -12.45 9.88
CA SER A 200 -6.39 -13.54 10.80
C SER A 200 -5.72 -14.79 10.25
N GLU A 201 -5.83 -15.92 10.97
CA GLU A 201 -5.01 -17.06 10.59
C GLU A 201 -5.52 -17.75 9.33
N VAL A 202 -4.61 -18.47 8.67
CA VAL A 202 -4.98 -19.32 7.53
C VAL A 202 -6.07 -20.30 7.95
N GLY A 203 -7.05 -20.52 7.09
CA GLY A 203 -8.08 -21.50 7.35
C GLY A 203 -8.44 -22.26 6.10
N ASP A 204 -9.61 -22.90 6.10
CA ASP A 204 -10.08 -23.57 4.91
C ASP A 204 -11.22 -22.76 4.31
N ALA A 205 -11.96 -23.35 3.38
CA ALA A 205 -12.98 -22.64 2.62
C ALA A 205 -14.08 -22.05 3.47
N SER A 206 -14.19 -22.47 4.73
CA SER A 206 -15.24 -21.92 5.59
C SER A 206 -15.04 -20.42 5.80
N LEU A 207 -13.80 -19.95 5.65
CA LEU A 207 -13.52 -18.53 5.81
C LEU A 207 -14.29 -17.70 4.81
N LEU A 208 -14.61 -18.32 3.66
CA LEU A 208 -15.40 -17.65 2.64
C LEU A 208 -16.83 -17.44 3.14
N LYS A 209 -17.37 -18.49 3.76
CA LYS A 209 -18.71 -18.43 4.35
C LYS A 209 -18.80 -17.40 5.47
N LEU A 210 -17.85 -17.49 6.40
CA LEU A 210 -17.79 -16.57 7.54
C LEU A 210 -17.67 -15.12 7.08
N THR A 211 -16.88 -14.87 6.04
CA THR A 211 -16.77 -13.52 5.50
C THR A 211 -18.12 -13.03 4.99
N LEU A 212 -18.80 -13.89 4.25
CA LEU A 212 -20.13 -13.59 3.75
C LEU A 212 -21.07 -13.26 4.91
N GLU A 213 -21.04 -14.07 5.96
CA GLU A 213 -21.90 -13.83 7.11
C GLU A 213 -21.54 -12.50 7.79
N GLN A 214 -20.25 -12.23 7.94
CA GLN A 214 -19.83 -10.98 8.57
C GLN A 214 -20.19 -9.77 7.74
N ALA A 215 -20.13 -9.90 6.41
CA ALA A 215 -20.49 -8.81 5.51
C ALA A 215 -21.97 -8.50 5.58
N VAL A 216 -22.79 -9.55 5.52
CA VAL A 216 -24.23 -9.40 5.64
C VAL A 216 -24.59 -8.75 6.98
N LYS A 217 -23.94 -9.21 8.04
CA LYS A 217 -24.15 -8.66 9.39
C LYS A 217 -23.79 -7.18 9.48
N GLY A 218 -22.66 -6.80 8.88
CA GLY A 218 -22.22 -5.41 8.89
C GLY A 218 -23.17 -4.50 8.13
N LEU A 219 -23.71 -5.02 7.04
CA LEU A 219 -24.70 -4.28 6.26
C LEU A 219 -25.99 -4.09 7.08
N ASN A 220 -26.39 -5.11 7.83
CA ASN A 220 -27.63 -5.02 8.62
C ASN A 220 -27.69 -3.81 9.54
N GLU A 221 -26.59 -3.51 10.21
CA GLU A 221 -26.54 -2.27 10.97
C GLU A 221 -26.45 -1.13 9.96
N SER A 222 -27.60 -0.56 9.64
CA SER A 222 -27.68 0.46 8.59
C SER A 222 -27.21 1.83 9.09
N GLY B 1 25.46 -2.94 -52.57
CA GLY B 1 24.47 -2.36 -51.68
C GLY B 1 23.20 -1.99 -52.45
N PRO B 2 22.02 -2.24 -51.86
CA PRO B 2 20.78 -2.09 -52.64
C PRO B 2 20.43 -0.64 -53.01
N ALA B 3 19.99 -0.46 -54.25
CA ALA B 3 19.50 0.84 -54.74
C ALA B 3 18.29 1.33 -53.94
N GLU B 4 17.46 0.38 -53.47
CA GLU B 4 16.25 0.72 -52.73
C GLU B 4 16.56 1.31 -51.35
N SER B 5 15.64 2.14 -50.85
CA SER B 5 15.75 2.67 -49.51
C SER B 5 14.34 2.90 -48.97
N LEU B 6 14.16 2.66 -47.69
CA LEU B 6 12.87 2.87 -47.05
C LEU B 6 12.56 4.35 -46.95
N PRO B 7 11.32 4.73 -47.29
CA PRO B 7 10.94 6.13 -47.09
C PRO B 7 10.93 6.52 -45.62
N ASP B 8 10.99 7.82 -45.41
CA ASP B 8 10.98 8.38 -44.08
C ASP B 8 9.59 8.24 -43.51
N LEU B 9 9.53 8.16 -42.19
CA LEU B 9 8.31 8.27 -41.45
C LEU B 9 7.50 9.44 -41.93
N LYS B 10 6.20 9.25 -42.15
CA LYS B 10 5.39 10.41 -42.44
C LYS B 10 4.24 10.57 -41.46
N ILE B 11 3.88 11.83 -41.27
CA ILE B 11 2.87 12.27 -40.33
C ILE B 11 1.96 13.26 -41.05
N GLU B 12 0.68 12.95 -41.14
CA GLU B 12 -0.25 13.88 -41.80
C GLU B 12 -1.58 13.94 -41.07
N LYS B 13 -2.18 15.12 -41.06
CA LYS B 13 -3.43 15.32 -40.37
C LYS B 13 -4.56 14.63 -41.11
N LEU B 14 -5.40 13.90 -40.38
CA LEU B 14 -6.51 13.19 -40.97
C LEU B 14 -7.82 13.91 -40.65
N ASP B 15 -7.87 14.49 -39.45
CA ASP B 15 -9.08 15.14 -38.93
C ASP B 15 -8.61 15.98 -37.74
N GLU B 16 -9.52 16.73 -37.13
CA GLU B 16 -9.16 17.49 -35.92
C GLU B 16 -8.67 16.57 -34.83
N GLY B 17 -7.46 16.82 -34.37
CA GLY B 17 -6.88 16.02 -33.29
C GLY B 17 -6.52 14.59 -33.67
N VAL B 18 -6.53 14.28 -34.97
CA VAL B 18 -6.18 12.93 -35.41
C VAL B 18 -5.19 12.97 -36.57
N TYR B 19 -4.04 12.35 -36.34
CA TYR B 19 -2.98 12.29 -37.35
C TYR B 19 -2.72 10.84 -37.71
N VAL B 20 -2.34 10.59 -38.96
CA VAL B 20 -1.92 9.26 -39.38
C VAL B 20 -0.41 9.24 -39.48
N HIS B 21 0.24 8.28 -38.83
CA HIS B 21 1.67 8.12 -39.03
C HIS B 21 1.93 6.89 -39.88
N THR B 22 2.86 7.00 -40.81
CA THR B 22 3.17 5.88 -41.70
C THR B 22 4.66 5.58 -41.66
N SER B 23 4.98 4.34 -41.33
CA SER B 23 6.37 3.90 -41.34
C SER B 23 6.48 2.75 -42.32
N PHE B 24 7.71 2.41 -42.69
CA PHE B 24 7.91 1.48 -43.80
C PHE B 24 8.95 0.43 -43.48
N GLU B 25 8.69 -0.80 -43.93
CA GLU B 25 9.62 -1.91 -43.79
C GLU B 25 9.57 -2.75 -45.04
N GLU B 26 10.65 -3.40 -45.41
CA GLU B 26 10.59 -4.37 -46.52
C GLU B 26 10.32 -5.73 -45.87
N VAL B 27 9.26 -6.36 -46.29
CA VAL B 27 8.86 -7.63 -45.74
C VAL B 27 8.98 -8.68 -46.84
N ASN B 28 9.70 -9.75 -46.53
CA ASN B 28 9.95 -10.81 -47.49
C ASN B 28 8.67 -11.33 -48.11
N GLY B 29 8.65 -11.37 -49.44
CA GLY B 29 7.52 -11.85 -50.20
C GLY B 29 6.43 -10.83 -50.45
N TRP B 30 6.54 -9.67 -49.82
CA TRP B 30 5.48 -8.65 -49.89
C TRP B 30 5.96 -7.37 -50.53
N GLY B 31 7.23 -7.07 -50.32
CA GLY B 31 7.82 -5.86 -50.87
C GLY B 31 7.83 -4.85 -49.74
N VAL B 32 7.87 -3.58 -50.09
CA VAL B 32 7.80 -2.49 -49.12
C VAL B 32 6.37 -2.44 -48.61
N VAL B 33 6.25 -2.54 -47.29
CA VAL B 33 4.95 -2.51 -46.66
C VAL B 33 4.80 -1.21 -45.88
N PRO B 34 3.78 -0.42 -46.20
CA PRO B 34 3.51 0.76 -45.38
C PRO B 34 2.80 0.29 -44.13
N LYS B 35 3.00 0.96 -42.99
CA LYS B 35 2.21 0.69 -41.80
C LYS B 35 1.61 1.98 -41.27
N HIS B 36 0.29 2.06 -41.24
CA HIS B 36 -0.41 3.21 -40.68
C HIS B 36 -0.77 2.98 -39.22
N GLY B 37 -0.51 3.98 -38.39
CA GLY B 37 -1.06 4.05 -37.05
C GLY B 37 -1.63 5.44 -36.92
N LEU B 38 -2.13 5.77 -35.74
CA LEU B 38 -2.64 7.12 -35.48
C LEU B 38 -1.92 7.80 -34.32
N VAL B 39 -1.96 9.13 -34.34
CA VAL B 39 -1.74 9.92 -33.15
C VAL B 39 -3.02 10.67 -32.85
N VAL B 40 -3.51 10.54 -31.62
CA VAL B 40 -4.75 11.19 -31.23
C VAL B 40 -4.51 12.21 -30.14
N LEU B 41 -4.99 13.44 -30.34
CA LEU B 41 -4.76 14.48 -29.33
C LEU B 41 -5.99 14.64 -28.45
N VAL B 42 -5.76 14.58 -27.14
CA VAL B 42 -6.78 14.78 -26.13
C VAL B 42 -6.25 15.84 -25.19
N ASN B 43 -6.88 17.00 -25.25
CA ASN B 43 -6.44 18.19 -24.52
C ASN B 43 -4.96 18.48 -24.79
N ALA B 44 -4.60 18.51 -26.08
CA ALA B 44 -3.26 18.91 -26.46
C ALA B 44 -2.16 17.99 -25.86
N GLU B 45 -2.55 16.75 -25.58
CA GLU B 45 -1.61 15.66 -25.27
C GLU B 45 -1.85 14.49 -26.23
N ALA B 46 -0.78 13.76 -26.55
CA ALA B 46 -0.86 12.74 -27.58
C ALA B 46 -0.94 11.29 -27.10
N TYR B 47 -1.78 10.53 -27.80
CA TYR B 47 -1.89 9.09 -27.66
C TYR B 47 -1.53 8.42 -28.98
N LEU B 48 -0.57 7.50 -28.89
CA LEU B 48 -0.13 6.72 -30.06
C LEU B 48 -1.03 5.51 -30.25
N ILE B 49 -1.66 5.41 -31.41
CA ILE B 49 -2.42 4.22 -31.74
C ILE B 49 -1.55 3.38 -32.68
N ASP B 50 -0.97 2.32 -32.11
CA ASP B 50 0.12 1.53 -32.66
C ASP B 50 1.43 2.32 -32.73
N THR B 51 2.54 1.62 -32.56
CA THR B 51 3.85 2.23 -32.73
C THR B 51 4.32 1.95 -34.14
N PRO B 52 5.22 2.80 -34.67
CA PRO B 52 5.92 2.41 -35.89
C PRO B 52 6.68 1.07 -35.73
N PHE B 53 7.21 0.53 -36.83
CA PHE B 53 8.00 -0.71 -36.82
C PHE B 53 9.17 -0.65 -35.82
N THR B 54 9.86 0.49 -35.79
CA THR B 54 11.16 0.59 -35.12
C THR B 54 11.18 1.65 -34.04
N ALA B 55 12.15 1.50 -33.13
CA ALA B 55 12.48 2.48 -32.11
C ALA B 55 12.83 3.81 -32.79
N LYS B 56 13.57 3.75 -33.89
CA LYS B 56 13.99 4.99 -34.56
C LYS B 56 12.78 5.82 -34.97
N ASP B 57 11.81 5.19 -35.58
CA ASP B 57 10.65 5.91 -36.07
C ASP B 57 9.72 6.27 -34.91
N THR B 58 9.69 5.42 -33.88
CA THR B 58 8.89 5.74 -32.70
C THR B 58 9.46 7.00 -32.07
N GLU B 59 10.78 7.07 -31.99
CA GLU B 59 11.44 8.27 -31.47
C GLU B 59 11.18 9.52 -32.33
N LYS B 60 11.34 9.39 -33.64
CA LYS B 60 11.00 10.50 -34.54
C LYS B 60 9.54 10.99 -34.33
N LEU B 61 8.60 10.06 -34.25
CA LEU B 61 7.20 10.36 -34.05
C LEU B 61 6.94 11.12 -32.75
N VAL B 62 7.47 10.58 -31.66
CA VAL B 62 7.34 11.20 -30.35
C VAL B 62 7.98 12.58 -30.32
N THR B 63 9.19 12.69 -30.88
CA THR B 63 9.90 13.97 -30.92
C THR B 63 9.12 15.03 -31.71
N TRP B 64 8.52 14.66 -32.83
CA TRP B 64 7.76 15.62 -33.63
C TRP B 64 6.65 16.26 -32.78
N PHE B 65 5.96 15.47 -31.96
CA PHE B 65 4.89 16.04 -31.13
C PHE B 65 5.40 16.72 -29.88
N VAL B 66 6.39 16.12 -29.22
CA VAL B 66 6.91 16.73 -28.01
C VAL B 66 7.54 18.08 -28.27
N GLU B 67 8.30 18.20 -29.37
CA GLU B 67 8.92 19.46 -29.71
C GLU B 67 7.90 20.52 -30.07
N ARG B 68 6.67 20.10 -30.36
CA ARG B 68 5.61 21.05 -30.66
C ARG B 68 4.69 21.26 -29.48
N GLY B 69 5.14 20.79 -28.32
CA GLY B 69 4.48 21.05 -27.05
C GLY B 69 3.48 19.99 -26.63
N TYR B 70 3.39 18.92 -27.40
CA TYR B 70 2.40 17.90 -27.09
C TYR B 70 3.12 16.78 -26.37
N LYS B 71 2.80 16.62 -25.09
CA LYS B 71 3.32 15.55 -24.26
C LYS B 71 2.69 14.23 -24.65
N ILE B 72 3.47 13.15 -24.64
CA ILE B 72 2.94 11.82 -24.94
C ILE B 72 2.35 11.16 -23.68
N LYS B 73 1.05 10.89 -23.69
CA LYS B 73 0.36 10.33 -22.54
C LYS B 73 0.40 8.80 -22.54
N GLY B 74 0.50 8.20 -23.73
CA GLY B 74 0.63 6.76 -23.80
C GLY B 74 0.50 6.21 -25.21
N SER B 75 0.70 4.90 -25.35
CA SER B 75 0.48 4.22 -26.63
C SER B 75 -0.37 2.99 -26.41
N ILE B 76 -1.09 2.59 -27.43
CA ILE B 76 -1.81 1.32 -27.37
C ILE B 76 -1.48 0.52 -28.65
N SER B 77 -1.24 -0.77 -28.49
CA SER B 77 -0.89 -1.63 -29.63
C SER B 77 -2.04 -2.57 -29.98
N SER B 78 -2.44 -2.57 -31.26
CA SER B 78 -3.64 -3.29 -31.67
C SER B 78 -3.45 -4.81 -31.81
N HIS B 79 -2.19 -5.28 -31.93
CA HIS B 79 -1.93 -6.73 -31.86
C HIS B 79 -0.43 -6.91 -31.67
N PHE B 80 0.02 -8.16 -31.51
CA PHE B 80 1.40 -8.39 -31.07
C PHE B 80 2.49 -8.27 -32.14
N HIS B 81 2.14 -8.32 -33.43
CA HIS B 81 3.16 -8.24 -34.48
C HIS B 81 3.94 -6.94 -34.33
N SER B 82 5.19 -6.94 -34.79
CA SER B 82 6.07 -5.81 -34.52
C SER B 82 5.66 -4.54 -35.27
N ASP B 83 4.82 -4.63 -36.30
CA ASP B 83 4.37 -3.37 -36.92
C ASP B 83 3.38 -2.59 -36.04
N SER B 84 2.92 -3.18 -34.95
CA SER B 84 2.09 -2.45 -33.97
C SER B 84 2.82 -2.22 -32.64
N THR B 85 3.86 -3.01 -32.38
CA THR B 85 4.52 -3.08 -31.05
C THR B 85 6.03 -2.79 -31.04
N GLY B 86 6.62 -2.53 -32.21
CA GLY B 86 8.07 -2.40 -32.33
C GLY B 86 8.67 -1.35 -31.39
N GLY B 87 7.89 -0.30 -31.14
CA GLY B 87 8.33 0.86 -30.37
C GLY B 87 8.14 0.72 -28.86
N ILE B 88 7.49 -0.35 -28.42
CA ILE B 88 7.15 -0.47 -26.98
C ILE B 88 8.35 -0.38 -26.03
N GLU B 89 9.43 -1.06 -26.35
CA GLU B 89 10.62 -1.03 -25.49
C GLU B 89 11.13 0.41 -25.35
N TRP B 90 11.23 1.12 -26.47
CA TRP B 90 11.71 2.50 -26.42
C TRP B 90 10.75 3.36 -25.58
N LEU B 91 9.45 3.21 -25.78
CA LEU B 91 8.49 3.98 -25.02
C LEU B 91 8.63 3.68 -23.53
N ASN B 92 8.76 2.40 -23.18
CA ASN B 92 9.00 2.00 -21.79
C ASN B 92 10.25 2.66 -21.21
N SER B 93 11.34 2.71 -21.99
CA SER B 93 12.59 3.29 -21.52
C SER B 93 12.45 4.80 -21.27
N ARG B 94 11.44 5.42 -21.89
CA ARG B 94 11.17 6.84 -21.69
C ARG B 94 10.03 7.06 -20.69
N SER B 95 9.62 6.01 -20.00
CA SER B 95 8.51 6.06 -19.03
C SER B 95 7.21 6.58 -19.61
N ILE B 96 6.99 6.31 -20.90
CA ILE B 96 5.68 6.56 -21.49
C ILE B 96 4.81 5.31 -21.35
N PRO B 97 3.63 5.45 -20.72
CA PRO B 97 2.79 4.25 -20.52
C PRO B 97 2.47 3.52 -21.84
N THR B 98 2.66 2.22 -21.87
CA THR B 98 2.29 1.41 -23.04
C THR B 98 1.13 0.48 -22.68
N TYR B 99 0.19 0.32 -23.62
CA TYR B 99 -1.02 -0.48 -23.40
C TYR B 99 -1.14 -1.59 -24.45
N ALA B 100 -1.61 -2.76 -24.03
CA ALA B 100 -1.95 -3.85 -24.94
C ALA B 100 -2.91 -4.78 -24.23
N SER B 101 -3.66 -5.58 -24.97
CA SER B 101 -4.55 -6.54 -24.30
C SER B 101 -3.74 -7.56 -23.52
N GLU B 102 -4.36 -8.22 -22.53
CA GLU B 102 -3.70 -9.31 -21.82
C GLU B 102 -3.17 -10.37 -22.79
N LEU B 103 -3.98 -10.75 -23.77
CA LEU B 103 -3.61 -11.74 -24.77
C LEU B 103 -2.44 -11.24 -25.63
N THR B 104 -2.50 -9.99 -26.07
CA THR B 104 -1.36 -9.44 -26.83
C THR B 104 -0.06 -9.53 -26.01
N ASN B 105 -0.10 -9.14 -24.74
CA ASN B 105 1.09 -9.25 -23.89
C ASN B 105 1.58 -10.69 -23.73
N GLU B 106 0.63 -11.62 -23.62
CA GLU B 106 0.96 -13.03 -23.49
C GLU B 106 1.64 -13.52 -24.79
N LEU B 107 1.14 -13.09 -25.94
CA LEU B 107 1.77 -13.47 -27.22
C LEU B 107 3.14 -12.80 -27.40
N LEU B 108 3.27 -11.54 -26.96
CA LEU B 108 4.57 -10.88 -26.98
C LEU B 108 5.57 -11.67 -26.15
N LYS B 109 5.15 -12.06 -24.95
CA LYS B 109 6.03 -12.78 -24.05
C LYS B 109 6.46 -14.15 -24.62
N LYS B 110 5.52 -14.86 -25.22
CA LYS B 110 5.78 -16.15 -25.87
C LYS B 110 6.82 -15.97 -26.98
N ASP B 111 6.80 -14.83 -27.65
CA ASP B 111 7.78 -14.50 -28.69
C ASP B 111 9.04 -13.88 -28.13
N GLY B 112 9.19 -13.84 -26.80
CA GLY B 112 10.36 -13.24 -26.20
C GLY B 112 10.48 -11.72 -26.44
N LYS B 113 9.36 -11.04 -26.64
CA LYS B 113 9.37 -9.59 -26.82
C LYS B 113 9.01 -8.88 -25.52
N VAL B 114 9.44 -7.62 -25.41
CA VAL B 114 9.07 -6.76 -24.30
C VAL B 114 7.56 -6.48 -24.32
N GLN B 115 6.90 -6.51 -23.14
CA GLN B 115 5.47 -6.28 -23.02
C GLN B 115 5.10 -4.83 -22.72
N ALA B 116 3.84 -4.48 -23.00
CA ALA B 116 3.26 -3.22 -22.55
C ALA B 116 3.16 -3.24 -21.03
N THR B 117 3.30 -2.08 -20.41
CA THR B 117 3.21 -1.95 -18.95
C THR B 117 1.76 -1.94 -18.43
N ASN B 118 0.79 -1.68 -19.30
CA ASN B 118 -0.62 -1.70 -18.92
C ASN B 118 -1.39 -2.68 -19.79
N SER B 119 -2.14 -3.59 -19.18
CA SER B 119 -2.91 -4.55 -19.96
C SER B 119 -4.38 -4.45 -19.63
N PHE B 120 -5.19 -4.91 -20.56
CA PHE B 120 -6.64 -4.95 -20.33
C PHE B 120 -7.19 -6.27 -20.86
N SER B 121 -8.23 -6.77 -20.21
CA SER B 121 -8.94 -7.91 -20.74
C SER B 121 -10.38 -7.52 -20.86
N GLY B 122 -11.10 -8.25 -21.66
CA GLY B 122 -12.48 -7.91 -21.85
C GLY B 122 -12.62 -7.40 -23.26
N VAL B 123 -13.85 -7.34 -23.71
CA VAL B 123 -14.17 -7.01 -25.09
C VAL B 123 -14.09 -5.50 -25.32
N ASN B 124 -14.52 -4.72 -24.33
CA ASN B 124 -14.46 -3.25 -24.43
C ASN B 124 -13.53 -2.67 -23.38
N TYR B 125 -12.83 -1.61 -23.72
CA TYR B 125 -11.93 -0.94 -22.80
C TYR B 125 -11.80 0.52 -23.19
N TRP B 126 -11.92 1.44 -22.23
CA TRP B 126 -11.68 2.85 -22.50
C TRP B 126 -10.22 3.21 -22.25
N LEU B 127 -9.47 3.56 -23.29
CA LEU B 127 -8.14 4.09 -23.06
C LEU B 127 -8.31 5.51 -22.52
N VAL B 128 -9.21 6.28 -23.13
CA VAL B 128 -9.64 7.58 -22.61
C VAL B 128 -11.16 7.63 -22.71
N LYS B 129 -11.88 7.71 -21.59
CA LYS B 129 -13.33 7.51 -21.69
C LYS B 129 -13.99 8.58 -22.55
N ASN B 130 -14.93 8.11 -23.38
CA ASN B 130 -15.64 8.92 -24.37
C ASN B 130 -14.76 9.49 -25.48
N LYS B 131 -13.49 9.09 -25.54
CA LYS B 131 -12.63 9.61 -26.62
C LYS B 131 -11.85 8.53 -27.35
N ILE B 132 -11.28 7.57 -26.63
CA ILE B 132 -10.52 6.51 -27.29
C ILE B 132 -10.95 5.17 -26.71
N GLU B 133 -11.65 4.42 -27.54
CA GLU B 133 -12.24 3.17 -27.10
C GLU B 133 -11.60 2.00 -27.81
N VAL B 134 -11.43 0.89 -27.11
CA VAL B 134 -10.82 -0.31 -27.68
C VAL B 134 -11.85 -1.42 -27.79
N PHE B 135 -11.88 -2.13 -28.91
CA PHE B 135 -12.85 -3.20 -29.07
C PHE B 135 -12.24 -4.45 -29.69
N TYR B 136 -12.57 -5.61 -29.12
CA TYR B 136 -12.14 -6.89 -29.66
C TYR B 136 -13.26 -7.54 -30.47
N PRO B 137 -13.11 -7.61 -31.81
CA PRO B 137 -14.17 -8.18 -32.65
C PRO B 137 -14.14 -9.70 -32.71
N GLY B 138 -13.08 -10.30 -32.17
CA GLY B 138 -12.84 -11.72 -32.33
C GLY B 138 -11.62 -11.97 -33.22
N PRO B 139 -11.17 -13.23 -33.28
CA PRO B 139 -9.97 -13.60 -34.04
C PRO B 139 -10.10 -13.31 -35.54
N GLY B 140 -8.99 -12.92 -36.15
CA GLY B 140 -8.96 -12.69 -37.59
C GLY B 140 -7.56 -12.81 -38.14
N HIS B 141 -6.95 -11.66 -38.42
CA HIS B 141 -5.55 -11.57 -38.79
C HIS B 141 -4.63 -12.26 -37.76
N THR B 142 -4.95 -12.09 -36.48
CA THR B 142 -4.29 -12.77 -35.37
C THR B 142 -5.33 -13.13 -34.31
N PRO B 143 -4.98 -13.97 -33.32
CA PRO B 143 -6.01 -14.23 -32.30
C PRO B 143 -6.34 -12.99 -31.45
N ASP B 144 -5.42 -12.03 -31.36
CA ASP B 144 -5.55 -10.96 -30.38
C ASP B 144 -5.96 -9.60 -30.94
N ASN B 145 -6.18 -9.51 -32.26
CA ASN B 145 -6.34 -8.19 -32.86
C ASN B 145 -7.53 -7.40 -32.29
N VAL B 146 -7.27 -6.13 -31.97
CA VAL B 146 -8.34 -5.25 -31.52
C VAL B 146 -8.41 -4.02 -32.42
N VAL B 147 -9.52 -3.30 -32.34
CA VAL B 147 -9.68 -2.08 -33.11
C VAL B 147 -9.81 -0.92 -32.14
N VAL B 148 -9.59 0.28 -32.64
CA VAL B 148 -9.68 1.47 -31.80
C VAL B 148 -10.70 2.43 -32.39
N TRP B 149 -11.65 2.85 -31.57
CA TRP B 149 -12.78 3.66 -32.02
C TRP B 149 -12.73 5.06 -31.42
N LEU B 150 -12.85 6.07 -32.27
CA LEU B 150 -12.87 7.46 -31.80
C LEU B 150 -14.27 8.04 -31.99
N PRO B 151 -15.13 7.94 -30.97
CA PRO B 151 -16.56 8.27 -31.07
C PRO B 151 -16.81 9.72 -31.47
N GLU B 152 -15.92 10.61 -31.04
CA GLU B 152 -16.05 12.04 -31.30
C GLU B 152 -15.90 12.35 -32.78
N ARG B 153 -15.15 11.50 -33.48
CA ARG B 153 -14.84 11.76 -34.87
C ARG B 153 -15.44 10.72 -35.79
N LYS B 154 -16.01 9.67 -35.19
CA LYS B 154 -16.51 8.52 -35.96
C LYS B 154 -15.40 7.90 -36.82
N ILE B 155 -14.22 7.75 -36.22
CA ILE B 155 -13.07 7.17 -36.91
C ILE B 155 -12.69 5.83 -36.31
N LEU B 156 -12.61 4.80 -37.15
CA LEU B 156 -12.20 3.49 -36.69
C LEU B 156 -10.78 3.17 -37.15
N PHE B 157 -9.87 2.91 -36.21
CA PHE B 157 -8.58 2.35 -36.59
C PHE B 157 -8.69 0.84 -36.59
N GLY B 158 -8.59 0.25 -37.77
CA GLY B 158 -8.82 -1.18 -37.92
C GLY B 158 -7.58 -2.02 -37.85
N GLY B 159 -6.42 -1.37 -37.92
CA GLY B 159 -5.18 -2.13 -37.88
C GLY B 159 -5.08 -3.14 -39.01
N CYS B 160 -4.48 -4.27 -38.70
CA CYS B 160 -4.23 -5.29 -39.69
C CYS B 160 -5.43 -6.23 -39.86
N PHE B 161 -6.50 -5.95 -39.13
CA PHE B 161 -7.76 -6.65 -39.30
C PHE B 161 -8.47 -6.21 -40.57
N ILE B 162 -8.37 -4.91 -40.88
CA ILE B 162 -9.01 -4.35 -42.08
C ILE B 162 -8.12 -4.65 -43.29
N LYS B 163 -8.65 -5.47 -44.20
CA LYS B 163 -7.89 -5.98 -45.33
C LYS B 163 -8.75 -5.96 -46.60
N PRO B 164 -8.92 -4.77 -47.21
CA PRO B 164 -9.93 -4.66 -48.26
C PRO B 164 -9.56 -5.28 -49.62
N TYR B 165 -8.28 -5.54 -49.87
CA TYR B 165 -7.85 -6.02 -51.21
C TYR B 165 -7.06 -7.32 -51.12
N GLY B 166 -7.19 -8.02 -50.01
CA GLY B 166 -6.40 -9.21 -49.76
C GLY B 166 -5.98 -9.27 -48.31
N LEU B 167 -5.97 -10.47 -47.76
CA LEU B 167 -5.80 -10.72 -46.32
C LEU B 167 -4.35 -10.59 -45.81
N GLY B 168 -3.39 -10.54 -46.71
CA GLY B 168 -2.00 -10.37 -46.31
C GLY B 168 -1.43 -11.64 -45.71
N ASN B 169 -0.52 -11.47 -44.73
CA ASN B 169 0.17 -12.60 -44.09
C ASN B 169 -0.76 -13.41 -43.18
N LEU B 170 -1.00 -14.67 -43.54
CA LEU B 170 -1.93 -15.54 -42.81
C LEU B 170 -1.23 -16.40 -41.76
N GLY B 171 0.07 -16.16 -41.53
CA GLY B 171 0.87 -16.99 -40.64
C GLY B 171 0.26 -17.20 -39.27
N ASP B 172 -0.34 -16.16 -38.70
CA ASP B 172 -0.90 -16.27 -37.36
C ASP B 172 -2.41 -16.11 -37.38
N ALA B 173 -2.99 -16.16 -38.56
CA ALA B 173 -4.41 -15.86 -38.75
C ALA B 173 -5.33 -17.00 -38.37
N ASN B 174 -6.58 -16.65 -38.09
CA ASN B 174 -7.65 -17.61 -37.88
C ASN B 174 -8.67 -17.42 -38.99
N ILE B 175 -8.46 -18.13 -40.09
CA ILE B 175 -9.26 -17.93 -41.28
C ILE B 175 -10.69 -18.41 -41.04
N GLU B 176 -10.84 -19.36 -40.13
CA GLU B 176 -12.15 -19.91 -39.76
C GLU B 176 -13.02 -18.87 -39.08
N ALA B 177 -12.42 -18.05 -38.21
CA ALA B 177 -13.18 -17.09 -37.38
C ALA B 177 -13.34 -15.71 -38.03
N TRP B 178 -12.41 -15.35 -38.92
CA TRP B 178 -12.36 -14.00 -39.47
C TRP B 178 -13.67 -13.52 -40.12
N PRO B 179 -14.38 -14.38 -40.88
CA PRO B 179 -15.65 -13.88 -41.43
C PRO B 179 -16.67 -13.46 -40.36
N LYS B 180 -16.80 -14.23 -39.28
CA LYS B 180 -17.72 -13.85 -38.20
C LYS B 180 -17.27 -12.57 -37.50
N SER B 181 -15.96 -12.46 -37.26
CA SER B 181 -15.42 -11.27 -36.60
C SER B 181 -15.65 -10.03 -37.45
N ALA B 182 -15.44 -10.17 -38.75
CA ALA B 182 -15.64 -9.08 -39.70
C ALA B 182 -17.10 -8.67 -39.78
N LYS B 183 -17.99 -9.65 -39.65
CA LYS B 183 -19.43 -9.37 -39.69
C LYS B 183 -19.82 -8.56 -38.45
N LEU B 184 -19.32 -8.97 -37.29
CA LEU B 184 -19.63 -8.27 -36.05
C LEU B 184 -19.05 -6.85 -36.06
N LEU B 185 -17.85 -6.71 -36.61
CA LEU B 185 -17.22 -5.40 -36.69
C LEU B 185 -18.00 -4.46 -37.60
N LYS B 186 -18.43 -5.00 -38.75
CA LYS B 186 -19.21 -4.24 -39.72
C LYS B 186 -20.50 -3.70 -39.12
N SER B 187 -21.21 -4.53 -38.37
CA SER B 187 -22.46 -4.11 -37.75
C SER B 187 -22.25 -3.03 -36.70
N LYS B 188 -21.18 -3.16 -35.91
CA LYS B 188 -20.95 -2.21 -34.84
C LYS B 188 -20.53 -0.85 -35.37
N TYR B 189 -19.74 -0.81 -36.43
CA TYR B 189 -19.16 0.46 -36.85
C TYR B 189 -19.59 0.91 -38.24
N GLY B 190 -20.77 0.46 -38.66
CA GLY B 190 -21.36 0.90 -39.91
C GLY B 190 -21.48 2.41 -40.03
N LYS B 191 -21.55 3.07 -38.87
CA LYS B 191 -21.71 4.52 -38.75
C LYS B 191 -20.40 5.29 -38.94
N ALA B 192 -19.30 4.58 -39.12
CA ALA B 192 -17.98 5.19 -39.26
C ALA B 192 -17.83 6.11 -40.47
N LYS B 193 -17.26 7.29 -40.25
CA LYS B 193 -16.91 8.20 -41.33
C LYS B 193 -15.65 7.71 -42.01
N LEU B 194 -14.65 7.38 -41.20
CA LEU B 194 -13.38 6.89 -41.72
C LEU B 194 -12.96 5.56 -41.11
N VAL B 195 -12.33 4.73 -41.94
CA VAL B 195 -11.73 3.50 -41.50
C VAL B 195 -10.26 3.51 -41.91
N VAL B 196 -9.38 3.34 -40.92
CA VAL B 196 -7.94 3.36 -41.17
C VAL B 196 -7.37 1.96 -41.05
N PRO B 197 -6.99 1.36 -42.19
CA PRO B 197 -6.33 0.05 -42.19
C PRO B 197 -4.86 0.20 -41.88
N SER B 198 -4.20 -0.90 -41.52
CA SER B 198 -2.76 -0.85 -41.30
C SER B 198 -1.96 -0.61 -42.58
N HIS B 199 -2.39 -1.26 -43.66
CA HIS B 199 -1.53 -1.38 -44.84
C HIS B 199 -2.12 -0.92 -46.17
N SER B 200 -3.30 -0.31 -46.15
CA SER B 200 -3.76 0.37 -47.36
C SER B 200 -4.34 1.70 -46.93
N GLU B 201 -4.76 2.51 -47.88
CA GLU B 201 -5.09 3.90 -47.58
C GLU B 201 -6.42 4.01 -46.83
N VAL B 202 -6.58 5.13 -46.13
CA VAL B 202 -7.81 5.45 -45.41
C VAL B 202 -9.00 5.43 -46.37
N GLY B 203 -10.12 4.88 -45.92
CA GLY B 203 -11.33 4.90 -46.69
C GLY B 203 -12.52 5.16 -45.79
N ASP B 204 -13.71 4.87 -46.29
CA ASP B 204 -14.89 5.01 -45.46
C ASP B 204 -15.37 3.63 -45.06
N ALA B 205 -16.60 3.56 -44.56
CA ALA B 205 -17.14 2.33 -43.99
C ALA B 205 -17.16 1.14 -44.97
N SER B 206 -17.01 1.41 -46.26
CA SER B 206 -17.02 0.35 -47.26
C SER B 206 -15.87 -0.63 -47.08
N LEU B 207 -14.80 -0.18 -46.43
CA LEU B 207 -13.65 -1.05 -46.16
C LEU B 207 -14.06 -2.19 -45.22
N LEU B 208 -15.11 -1.95 -44.43
CA LEU B 208 -15.63 -2.99 -43.55
C LEU B 208 -16.28 -4.10 -44.38
N LYS B 209 -17.07 -3.70 -45.38
CA LYS B 209 -17.70 -4.64 -46.30
C LYS B 209 -16.64 -5.41 -47.08
N LEU B 210 -15.69 -4.68 -47.67
CA LEU B 210 -14.59 -5.31 -48.42
C LEU B 210 -13.78 -6.30 -47.58
N THR B 211 -13.52 -5.96 -46.32
CA THR B 211 -12.80 -6.88 -45.43
C THR B 211 -13.60 -8.17 -45.25
N LEU B 212 -14.89 -8.01 -44.95
CA LEU B 212 -15.78 -9.16 -44.80
C LEU B 212 -15.77 -10.05 -46.05
N GLU B 213 -15.84 -9.44 -47.22
CA GLU B 213 -15.81 -10.18 -48.47
C GLU B 213 -14.48 -10.92 -48.67
N GLN B 214 -13.37 -10.27 -48.32
CA GLN B 214 -12.05 -10.89 -48.46
C GLN B 214 -11.87 -12.05 -47.47
N ALA B 215 -12.46 -11.94 -46.28
CA ALA B 215 -12.37 -12.98 -45.28
C ALA B 215 -13.15 -14.24 -45.72
N VAL B 216 -14.35 -14.00 -46.21
CA VAL B 216 -15.20 -15.06 -46.76
C VAL B 216 -14.48 -15.75 -47.93
N LYS B 217 -13.91 -14.95 -48.82
CA LYS B 217 -13.16 -15.47 -49.97
C LYS B 217 -11.96 -16.32 -49.53
N GLY B 218 -11.26 -15.86 -48.50
CA GLY B 218 -10.11 -16.59 -47.95
C GLY B 218 -10.45 -17.92 -47.28
N LEU B 219 -11.57 -17.96 -46.58
CA LEU B 219 -12.05 -19.20 -45.98
C LEU B 219 -12.46 -20.18 -47.08
N ASN B 220 -13.13 -19.70 -48.11
CA ASN B 220 -13.54 -20.59 -49.18
C ASN B 220 -12.35 -21.14 -49.92
N GLU B 221 -11.39 -20.29 -50.18
CA GLU B 221 -10.24 -20.70 -50.91
C GLU B 221 -9.58 -21.83 -50.23
N SER B 222 -9.50 -21.80 -48.93
CA SER B 222 -8.84 -22.88 -48.20
C SER B 222 -9.58 -24.20 -48.31
N LEU C 6 23.93 11.02 -13.13
CA LEU C 6 23.74 11.85 -11.93
C LEU C 6 24.86 12.89 -11.81
N PRO C 7 24.49 14.17 -11.63
CA PRO C 7 25.48 15.24 -11.46
C PRO C 7 26.26 15.12 -10.16
N ASP C 8 27.44 15.74 -10.09
CA ASP C 8 28.27 15.67 -8.90
C ASP C 8 27.73 16.54 -7.76
N LEU C 9 28.09 16.18 -6.52
CA LEU C 9 27.82 17.04 -5.38
C LEU C 9 28.27 18.46 -5.69
N LYS C 10 27.43 19.45 -5.40
CA LYS C 10 27.91 20.82 -5.54
C LYS C 10 27.77 21.64 -4.25
N ILE C 11 28.67 22.60 -4.11
CA ILE C 11 28.78 23.41 -2.91
C ILE C 11 28.87 24.87 -3.33
N GLU C 12 27.90 25.69 -2.93
CA GLU C 12 27.96 27.09 -3.32
C GLU C 12 27.55 28.02 -2.21
N LYS C 13 28.17 29.20 -2.20
CA LYS C 13 27.95 30.19 -1.16
C LYS C 13 26.57 30.82 -1.33
N LEU C 14 25.83 30.88 -0.24
CA LEU C 14 24.49 31.43 -0.24
C LEU C 14 24.47 32.80 0.42
N ASP C 15 25.33 32.95 1.41
CA ASP C 15 25.41 34.16 2.20
C ASP C 15 26.70 34.07 3.01
N GLU C 16 27.03 35.12 3.76
CA GLU C 16 28.22 35.10 4.60
C GLU C 16 28.11 33.96 5.62
N GLY C 17 29.06 33.03 5.58
CA GLY C 17 29.10 31.91 6.52
C GLY C 17 28.05 30.83 6.30
N VAL C 18 27.39 30.87 5.14
CA VAL C 18 26.35 29.89 4.83
C VAL C 18 26.49 29.33 3.41
N TYR C 19 26.67 28.02 3.31
CA TYR C 19 26.80 27.35 2.03
C TYR C 19 25.66 26.34 1.82
N VAL C 20 25.26 26.18 0.56
CA VAL C 20 24.29 25.17 0.16
C VAL C 20 25.04 24.01 -0.47
N HIS C 21 24.80 22.80 0.03
CA HIS C 21 25.32 21.62 -0.64
C HIS C 21 24.16 20.95 -1.36
N THR C 22 24.43 20.52 -2.59
CA THR C 22 23.40 19.86 -3.39
C THR C 22 23.86 18.51 -3.89
N SER C 23 23.09 17.48 -3.54
CA SER C 23 23.34 16.14 -4.03
C SER C 23 22.11 15.73 -4.83
N PHE C 24 22.22 14.60 -5.54
CA PHE C 24 21.20 14.23 -6.52
C PHE C 24 20.76 12.78 -6.45
N GLU C 25 19.49 12.57 -6.80
CA GLU C 25 18.92 11.24 -6.90
C GLU C 25 18.07 11.18 -8.18
N GLU C 26 18.00 9.99 -8.78
CA GLU C 26 17.16 9.77 -9.94
C GLU C 26 15.76 9.25 -9.55
N VAL C 27 14.71 9.94 -9.93
CA VAL C 27 13.36 9.43 -9.66
C VAL C 27 12.72 9.08 -10.99
N ASN C 28 12.47 7.79 -11.18
CA ASN C 28 11.92 7.25 -12.43
C ASN C 28 10.58 7.84 -12.81
N GLY C 29 10.45 8.29 -14.06
CA GLY C 29 9.19 8.84 -14.51
C GLY C 29 9.07 10.30 -14.12
N TRP C 30 10.04 10.78 -13.34
CA TRP C 30 10.04 12.15 -12.82
C TRP C 30 11.32 12.87 -13.24
N GLY C 31 12.44 12.18 -13.11
CA GLY C 31 13.79 12.67 -13.42
C GLY C 31 14.75 12.93 -12.27
N VAL C 32 15.82 13.69 -12.54
CA VAL C 32 16.85 13.98 -11.54
C VAL C 32 16.45 15.10 -10.59
N VAL C 33 16.38 14.76 -9.31
CA VAL C 33 15.94 15.71 -8.28
C VAL C 33 17.10 16.08 -7.37
N PRO C 34 17.34 17.38 -7.22
CA PRO C 34 18.36 17.86 -6.30
C PRO C 34 17.88 17.76 -4.85
N LYS C 35 18.82 17.57 -3.94
CA LYS C 35 18.56 17.67 -2.50
C LYS C 35 19.52 18.72 -1.97
N HIS C 36 18.95 19.81 -1.45
CA HIS C 36 19.75 20.86 -0.87
C HIS C 36 19.82 20.66 0.65
N GLY C 37 21.02 20.85 1.19
CA GLY C 37 21.25 21.03 2.62
C GLY C 37 22.14 22.25 2.80
N LEU C 38 22.49 22.56 4.04
CA LEU C 38 23.39 23.69 4.30
C LEU C 38 24.67 23.27 5.01
N VAL C 39 25.70 24.10 4.87
CA VAL C 39 26.80 24.09 5.81
C VAL C 39 26.86 25.49 6.46
N VAL C 40 26.85 25.53 7.79
CA VAL C 40 26.88 26.81 8.48
C VAL C 40 28.21 26.99 9.20
N LEU C 41 28.84 28.13 8.97
CA LEU C 41 30.17 28.42 9.52
C LEU C 41 30.12 29.37 10.70
N VAL C 42 30.76 28.98 11.79
CA VAL C 42 30.91 29.82 12.96
C VAL C 42 32.36 29.77 13.44
N ASN C 43 33.15 30.83 13.20
CA ASN C 43 34.55 30.86 13.64
C ASN C 43 35.38 29.62 13.34
N ALA C 44 35.49 29.26 12.07
CA ALA C 44 36.27 28.09 11.63
C ALA C 44 35.70 26.76 12.12
N GLU C 45 34.43 26.76 12.51
CA GLU C 45 33.76 25.50 12.76
C GLU C 45 32.59 25.39 11.77
N ALA C 46 32.42 24.19 11.22
CA ALA C 46 31.38 23.96 10.22
C ALA C 46 30.29 23.05 10.78
N TYR C 47 29.02 23.38 10.52
CA TYR C 47 27.92 22.52 10.93
C TYR C 47 27.15 22.08 9.71
N LEU C 48 26.95 20.77 9.55
CA LEU C 48 26.19 20.22 8.42
C LEU C 48 24.71 20.30 8.75
N ILE C 49 23.94 20.97 7.91
CA ILE C 49 22.50 20.99 8.03
C ILE C 49 21.97 20.02 6.97
N ASP C 50 21.58 18.82 7.42
CA ASP C 50 21.33 17.62 6.60
C ASP C 50 22.60 17.03 5.99
N THR C 51 22.63 15.71 5.87
CA THR C 51 23.70 15.05 5.12
C THR C 51 23.19 14.76 3.69
N PRO C 52 24.11 14.65 2.72
CA PRO C 52 23.77 14.08 1.42
C PRO C 52 23.24 12.65 1.56
N PHE C 53 22.71 12.12 0.47
CA PHE C 53 22.16 10.76 0.40
C PHE C 53 23.16 9.68 0.84
N THR C 54 24.41 9.83 0.39
CA THR C 54 25.37 8.74 0.51
C THR C 54 26.56 9.11 1.35
N ALA C 55 27.23 8.09 1.88
CA ALA C 55 28.47 8.27 2.63
C ALA C 55 29.55 8.96 1.79
N LYS C 56 29.66 8.53 0.54
CA LYS C 56 30.69 9.07 -0.36
C LYS C 56 30.52 10.59 -0.55
N ASP C 57 29.29 11.06 -0.75
CA ASP C 57 29.07 12.51 -0.91
C ASP C 57 29.25 13.23 0.42
N THR C 58 28.87 12.55 1.51
CA THR C 58 29.05 13.12 2.83
C THR C 58 30.55 13.32 3.06
N GLU C 59 31.35 12.34 2.67
CA GLU C 59 32.80 12.46 2.78
C GLU C 59 33.33 13.62 1.93
N LYS C 60 32.88 13.71 0.69
CA LYS C 60 33.23 14.82 -0.20
C LYS C 60 32.96 16.17 0.44
N LEU C 61 31.76 16.30 1.00
CA LEU C 61 31.31 17.54 1.62
C LEU C 61 32.25 17.95 2.75
N VAL C 62 32.48 17.01 3.65
CA VAL C 62 33.33 17.20 4.80
C VAL C 62 34.77 17.56 4.40
N THR C 63 35.33 16.82 3.43
CA THR C 63 36.71 17.07 2.98
C THR C 63 36.87 18.50 2.48
N TRP C 64 35.88 18.96 1.72
CA TRP C 64 35.88 20.30 1.13
C TRP C 64 36.04 21.38 2.20
N PHE C 65 35.36 21.22 3.33
CA PHE C 65 35.45 22.23 4.36
C PHE C 65 36.71 22.02 5.22
N VAL C 66 37.07 20.76 5.47
CA VAL C 66 38.27 20.46 6.24
C VAL C 66 39.55 20.96 5.54
N GLU C 67 39.62 20.79 4.23
CA GLU C 67 40.78 21.23 3.45
C GLU C 67 40.87 22.75 3.41
N ARG C 68 39.76 23.40 3.78
CA ARG C 68 39.72 24.85 3.87
C ARG C 68 39.83 25.35 5.32
N GLY C 69 40.25 24.47 6.24
CA GLY C 69 40.58 24.87 7.59
C GLY C 69 39.48 24.79 8.64
N TYR C 70 38.35 24.19 8.27
CA TYR C 70 37.19 24.11 9.16
C TYR C 70 37.08 22.78 9.89
N LYS C 71 36.95 22.83 11.21
CA LYS C 71 36.61 21.62 11.94
C LYS C 71 35.09 21.34 11.80
N ILE C 72 34.71 20.10 11.51
CA ILE C 72 33.29 19.78 11.44
C ILE C 72 32.82 19.50 12.86
N LYS C 73 32.03 20.42 13.40
CA LYS C 73 31.64 20.36 14.80
C LYS C 73 30.44 19.44 15.01
N GLY C 74 29.62 19.29 13.97
CA GLY C 74 28.49 18.39 14.07
C GLY C 74 27.58 18.47 12.86
N SER C 75 26.60 17.57 12.82
CA SER C 75 25.57 17.59 11.78
C SER C 75 24.21 17.47 12.47
N ILE C 76 23.19 18.01 11.83
CA ILE C 76 21.83 17.80 12.30
C ILE C 76 20.97 17.37 11.09
N SER C 77 20.10 16.40 11.32
CA SER C 77 19.24 15.91 10.25
C SER C 77 17.80 16.39 10.48
N SER C 78 17.20 16.99 9.45
CA SER C 78 15.91 17.64 9.59
C SER C 78 14.73 16.67 9.61
N HIS C 79 14.91 15.43 9.13
CA HIS C 79 13.91 14.37 9.30
C HIS C 79 14.59 13.04 8.96
N PHE C 80 13.86 11.92 9.08
CA PHE C 80 14.50 10.61 9.03
C PHE C 80 14.83 10.04 7.65
N HIS C 81 14.24 10.57 6.57
CA HIS C 81 14.51 10.03 5.22
C HIS C 81 16.00 10.10 4.90
N SER C 82 16.45 9.25 3.98
CA SER C 82 17.88 9.12 3.73
C SER C 82 18.48 10.36 3.07
N ASP C 83 17.66 11.23 2.47
CA ASP C 83 18.21 12.45 1.89
C ASP C 83 18.59 13.45 2.98
N SER C 84 18.23 13.17 4.24
CA SER C 84 18.72 13.99 5.35
C SER C 84 19.69 13.26 6.25
N THR C 85 19.64 11.92 6.22
CA THR C 85 20.36 11.10 7.18
C THR C 85 21.35 10.08 6.60
N GLY C 86 21.49 10.02 5.28
CA GLY C 86 22.29 8.99 4.64
C GLY C 86 23.73 8.93 5.14
N GLY C 87 24.26 10.10 5.47
CA GLY C 87 25.64 10.33 5.89
C GLY C 87 25.90 10.06 7.38
N ILE C 88 24.84 9.89 8.18
CA ILE C 88 25.02 9.76 9.65
C ILE C 88 25.98 8.62 10.03
N GLU C 89 25.82 7.45 9.44
CA GLU C 89 26.72 6.34 9.74
C GLU C 89 28.19 6.70 9.49
N TRP C 90 28.49 7.28 8.33
CA TRP C 90 29.87 7.69 8.05
C TRP C 90 30.36 8.76 9.02
N LEU C 91 29.51 9.75 9.30
CA LEU C 91 29.91 10.79 10.25
C LEU C 91 30.21 10.17 11.63
N ASN C 92 29.37 9.24 12.07
CA ASN C 92 29.60 8.55 13.34
C ASN C 92 30.97 7.86 13.39
N SER C 93 31.34 7.19 12.30
CA SER C 93 32.60 6.46 12.22
C SER C 93 33.83 7.39 12.30
N ARG C 94 33.63 8.67 12.03
CA ARG C 94 34.70 9.66 12.11
C ARG C 94 34.65 10.48 13.39
N SER C 95 33.83 10.03 14.35
CA SER C 95 33.67 10.71 15.63
C SER C 95 33.20 12.16 15.49
N ILE C 96 32.45 12.44 14.43
CA ILE C 96 31.80 13.75 14.29
C ILE C 96 30.41 13.65 14.93
N PRO C 97 30.11 14.49 15.92
CA PRO C 97 28.80 14.41 16.58
C PRO C 97 27.62 14.55 15.60
N THR C 98 26.65 13.64 15.67
CA THR C 98 25.45 13.72 14.83
C THR C 98 24.23 13.97 15.71
N TYR C 99 23.34 14.84 15.23
CA TYR C 99 22.16 15.24 16.00
C TYR C 99 20.89 14.97 15.23
N ALA C 100 19.84 14.59 15.94
CA ALA C 100 18.51 14.48 15.34
C ALA C 100 17.51 14.54 16.47
N SER C 101 16.26 14.85 16.17
CA SER C 101 15.25 14.85 17.24
C SER C 101 15.06 13.44 17.78
N GLU C 102 14.49 13.33 18.99
CA GLU C 102 14.15 12.02 19.53
C GLU C 102 13.26 11.22 18.60
N LEU C 103 12.26 11.89 18.04
CA LEU C 103 11.33 11.24 17.12
C LEU C 103 12.05 10.76 15.86
N THR C 104 12.90 11.60 15.29
CA THR C 104 13.68 11.18 14.11
C THR C 104 14.53 9.95 14.42
N ASN C 105 15.20 9.95 15.56
CA ASN C 105 16.00 8.79 15.97
C ASN C 105 15.16 7.52 16.15
N GLU C 106 13.95 7.70 16.67
CA GLU C 106 13.03 6.58 16.82
C GLU C 106 12.63 6.01 15.45
N LEU C 107 12.41 6.88 14.48
CA LEU C 107 12.01 6.44 13.15
C LEU C 107 13.18 5.77 12.45
N LEU C 108 14.37 6.30 12.65
CA LEU C 108 15.57 5.66 12.11
C LEU C 108 15.69 4.25 12.69
N LYS C 109 15.53 4.14 14.00
CA LYS C 109 15.64 2.85 14.67
C LYS C 109 14.60 1.85 14.17
N LYS C 110 13.35 2.31 14.02
CA LYS C 110 12.27 1.47 13.51
C LYS C 110 12.57 0.91 12.13
N ASP C 111 13.23 1.71 11.30
CA ASP C 111 13.60 1.29 9.94
C ASP C 111 14.93 0.53 9.84
N GLY C 112 15.51 0.20 11.00
CA GLY C 112 16.78 -0.51 11.03
C GLY C 112 17.95 0.31 10.55
N LYS C 113 17.86 1.63 10.66
CA LYS C 113 18.92 2.53 10.20
C LYS C 113 19.78 3.02 11.38
N VAL C 114 20.99 3.45 11.07
CA VAL C 114 21.86 4.01 12.11
C VAL C 114 21.29 5.32 12.65
N GLN C 115 21.30 5.48 13.97
CA GLN C 115 20.76 6.67 14.61
C GLN C 115 21.82 7.75 14.81
N ALA C 116 21.37 8.99 14.97
CA ALA C 116 22.26 10.06 15.37
C ALA C 116 22.76 9.77 16.77
N THR C 117 23.99 10.17 17.08
CA THR C 117 24.52 9.88 18.40
C THR C 117 23.96 10.80 19.50
N ASN C 118 23.44 11.96 19.11
CA ASN C 118 22.81 12.89 20.07
C ASN C 118 21.37 13.20 19.69
N SER C 119 20.46 13.24 20.66
CA SER C 119 19.08 13.61 20.35
C SER C 119 18.60 14.84 21.12
N PHE C 120 17.58 15.49 20.59
CA PHE C 120 16.97 16.63 21.25
C PHE C 120 15.46 16.49 21.17
N SER C 121 14.74 17.00 22.17
CA SER C 121 13.28 17.02 22.12
C SER C 121 12.79 18.40 22.49
N GLY C 122 11.57 18.71 22.09
CA GLY C 122 11.02 20.02 22.34
C GLY C 122 10.83 20.78 21.04
N VAL C 123 10.07 21.87 21.14
CA VAL C 123 9.64 22.61 19.98
C VAL C 123 10.77 23.50 19.45
N ASN C 124 11.54 24.08 20.37
CA ASN C 124 12.68 24.91 19.98
C ASN C 124 13.96 24.29 20.52
N TYR C 125 15.04 24.34 19.76
CA TYR C 125 16.32 23.80 20.22
C TYR C 125 17.47 24.56 19.59
N TRP C 126 18.43 25.00 20.41
CA TRP C 126 19.61 25.65 19.85
C TRP C 126 20.70 24.62 19.57
N LEU C 127 21.01 24.42 18.30
CA LEU C 127 22.16 23.60 17.96
C LEU C 127 23.42 24.37 18.37
N VAL C 128 23.41 25.66 18.05
CA VAL C 128 24.45 26.62 18.44
C VAL C 128 23.76 27.89 18.94
N LYS C 129 23.87 28.23 20.22
CA LYS C 129 23.00 29.29 20.75
C LYS C 129 23.22 30.61 20.00
N ASN C 130 22.12 31.28 19.70
CA ASN C 130 22.11 32.52 18.93
C ASN C 130 22.62 32.41 17.49
N LYS C 131 22.91 31.20 17.00
CA LYS C 131 23.38 31.09 15.61
C LYS C 131 22.63 30.03 14.79
N ILE C 132 22.34 28.87 15.37
CA ILE C 132 21.61 27.82 14.66
C ILE C 132 20.52 27.28 15.54
N GLU C 133 19.27 27.59 15.18
CA GLU C 133 18.11 27.21 15.97
C GLU C 133 17.30 26.16 15.21
N VAL C 134 16.69 25.23 15.94
CA VAL C 134 15.85 24.21 15.32
C VAL C 134 14.42 24.38 15.79
N PHE C 135 13.46 24.28 14.88
CA PHE C 135 12.07 24.46 15.25
C PHE C 135 11.23 23.35 14.68
N TYR C 136 10.33 22.81 15.51
CA TYR C 136 9.39 21.78 15.07
C TYR C 136 8.02 22.39 14.81
N PRO C 137 7.59 22.48 13.53
CA PRO C 137 6.30 23.13 13.29
C PRO C 137 5.11 22.19 13.50
N GLY C 138 5.36 20.90 13.69
CA GLY C 138 4.30 19.89 13.69
C GLY C 138 4.48 19.00 12.47
N PRO C 139 3.73 17.88 12.40
CA PRO C 139 3.82 16.91 11.29
C PRO C 139 3.45 17.51 9.95
N GLY C 140 4.11 17.05 8.89
CA GLY C 140 3.73 17.48 7.55
C GLY C 140 4.21 16.45 6.58
N HIS C 141 5.31 16.78 5.92
CA HIS C 141 5.97 15.84 5.01
C HIS C 141 6.28 14.49 5.69
N THR C 142 6.72 14.56 6.94
CA THR C 142 6.92 13.38 7.79
C THR C 142 6.45 13.80 9.19
N PRO C 143 6.28 12.83 10.12
CA PRO C 143 5.84 13.24 11.46
C PRO C 143 6.89 14.05 12.21
N ASP C 144 8.15 13.88 11.83
CA ASP C 144 9.29 14.38 12.61
C ASP C 144 9.97 15.60 12.00
N ASN C 145 9.46 16.11 10.88
CA ASN C 145 10.21 17.15 10.18
C ASN C 145 10.41 18.43 11.02
N VAL C 146 11.66 18.90 11.03
CA VAL C 146 12.00 20.15 11.68
C VAL C 146 12.66 21.11 10.67
N VAL C 147 12.69 22.39 11.01
CA VAL C 147 13.31 23.40 10.16
C VAL C 147 14.47 23.99 10.93
N VAL C 148 15.39 24.66 10.23
CA VAL C 148 16.55 25.23 10.89
C VAL C 148 16.61 26.72 10.57
N TRP C 149 16.75 27.53 11.61
CA TRP C 149 16.70 28.99 11.53
C TRP C 149 18.05 29.60 11.89
N LEU C 150 18.52 30.52 11.05
CA LEU C 150 19.77 31.23 11.26
C LEU C 150 19.48 32.71 11.53
N PRO C 151 19.32 33.08 12.82
CA PRO C 151 18.82 34.42 13.17
C PRO C 151 19.74 35.56 12.65
N GLU C 152 21.02 35.29 12.58
CA GLU C 152 22.02 36.27 12.16
C GLU C 152 21.82 36.68 10.69
N ARG C 153 21.27 35.77 9.91
CA ARG C 153 21.14 35.95 8.47
C ARG C 153 19.68 36.00 7.99
N LYS C 154 18.76 35.71 8.89
CA LYS C 154 17.34 35.61 8.57
C LYS C 154 17.09 34.56 7.48
N ILE C 155 17.79 33.44 7.60
CA ILE C 155 17.67 32.34 6.64
C ILE C 155 17.00 31.14 7.27
N LEU C 156 15.93 30.64 6.63
CA LEU C 156 15.24 29.45 7.10
C LEU C 156 15.56 28.28 6.18
N PHE C 157 16.15 27.21 6.73
CA PHE C 157 16.23 25.98 5.95
C PHE C 157 14.94 25.22 6.18
N GLY C 158 14.14 25.08 5.15
CA GLY C 158 12.81 24.51 5.35
C GLY C 158 12.84 23.01 5.17
N GLY C 159 13.92 22.49 4.60
CA GLY C 159 13.98 21.05 4.37
C GLY C 159 12.84 20.54 3.50
N CYS C 160 12.39 19.32 3.76
CA CYS C 160 11.39 18.71 2.90
C CYS C 160 9.97 19.07 3.32
N PHE C 161 9.85 19.87 4.38
CA PHE C 161 8.57 20.44 4.80
C PHE C 161 8.11 21.55 3.83
N ILE C 162 9.06 22.32 3.32
CA ILE C 162 8.70 23.41 2.40
C ILE C 162 8.48 22.83 1.00
N LYS C 163 7.25 22.90 0.53
CA LYS C 163 6.84 22.29 -0.73
C LYS C 163 5.93 23.26 -1.46
N PRO C 164 6.53 24.30 -2.08
CA PRO C 164 5.76 25.41 -2.64
C PRO C 164 5.04 25.08 -3.95
N TYR C 165 5.41 23.99 -4.61
CA TYR C 165 4.87 23.70 -5.94
C TYR C 165 4.26 22.31 -5.96
N GLY C 166 3.86 21.79 -4.81
CA GLY C 166 3.30 20.46 -4.76
C GLY C 166 3.90 19.65 -3.63
N LEU C 167 3.09 18.83 -2.97
CA LEU C 167 3.53 18.18 -1.72
C LEU C 167 4.47 16.99 -1.94
N GLY C 168 4.52 16.47 -3.17
CA GLY C 168 5.43 15.37 -3.49
C GLY C 168 4.98 14.04 -2.93
N ASN C 169 5.93 13.19 -2.56
CA ASN C 169 5.63 11.84 -2.07
C ASN C 169 4.97 11.88 -0.69
N LEU C 170 3.72 11.45 -0.62
CA LEU C 170 2.98 11.50 0.64
C LEU C 170 3.08 10.19 1.44
N GLY C 171 4.01 9.31 1.05
CA GLY C 171 4.14 8.01 1.71
C GLY C 171 4.22 8.05 3.23
N ASP C 172 4.96 9.02 3.78
CA ASP C 172 5.09 9.11 5.24
C ASP C 172 4.47 10.38 5.80
N ALA C 173 3.67 11.06 4.98
CA ALA C 173 3.14 12.37 5.33
C ALA C 173 1.90 12.33 6.23
N ASN C 174 1.67 13.45 6.89
CA ASN C 174 0.45 13.66 7.68
C ASN C 174 -0.29 14.82 7.04
N ILE C 175 -1.17 14.48 6.10
CA ILE C 175 -1.88 15.47 5.29
C ILE C 175 -2.89 16.28 6.12
N GLU C 176 -3.43 15.67 7.17
CA GLU C 176 -4.39 16.35 8.05
C GLU C 176 -3.72 17.46 8.87
N ALA C 177 -2.48 17.21 9.30
CA ALA C 177 -1.76 18.12 10.17
C ALA C 177 -0.97 19.17 9.40
N TRP C 178 -0.56 18.85 8.18
CA TRP C 178 0.34 19.74 7.45
C TRP C 178 -0.18 21.21 7.31
N PRO C 179 -1.49 21.41 7.03
CA PRO C 179 -1.90 22.82 6.96
C PRO C 179 -1.71 23.57 8.29
N LYS C 180 -2.05 22.94 9.41
CA LYS C 180 -1.85 23.62 10.68
C LYS C 180 -0.37 23.86 10.96
N SER C 181 0.49 22.90 10.65
CA SER C 181 1.93 23.07 10.83
C SER C 181 2.49 24.18 9.94
N ALA C 182 2.01 24.22 8.69
CA ALA C 182 2.46 25.24 7.77
C ALA C 182 2.00 26.62 8.20
N LYS C 183 0.80 26.69 8.79
CA LYS C 183 0.27 27.97 9.25
C LYS C 183 1.15 28.44 10.40
N LEU C 184 1.54 27.52 11.27
CA LEU C 184 2.37 27.87 12.41
C LEU C 184 3.76 28.31 11.95
N LEU C 185 4.31 27.59 10.97
CA LEU C 185 5.63 27.95 10.43
C LEU C 185 5.60 29.33 9.78
N LYS C 186 4.56 29.59 8.99
CA LYS C 186 4.43 30.88 8.32
C LYS C 186 4.34 32.04 9.35
N SER C 187 3.56 31.84 10.42
CA SER C 187 3.42 32.88 11.43
C SER C 187 4.75 33.14 12.13
N LYS C 188 5.52 32.08 12.38
CA LYS C 188 6.77 32.22 13.09
C LYS C 188 7.88 32.91 12.27
N TYR C 189 7.97 32.61 10.99
CA TYR C 189 9.12 33.06 10.19
C TYR C 189 8.80 33.98 9.03
N GLY C 190 7.72 34.74 9.13
CA GLY C 190 7.40 35.70 8.09
C GLY C 190 8.49 36.70 7.74
N LYS C 191 9.37 37.00 8.70
CA LYS C 191 10.43 37.98 8.47
C LYS C 191 11.67 37.41 7.78
N ALA C 192 11.63 36.12 7.45
CA ALA C 192 12.75 35.41 6.83
C ALA C 192 13.16 36.11 5.53
N LYS C 193 14.46 36.32 5.35
CA LYS C 193 14.98 36.86 4.09
C LYS C 193 15.00 35.78 3.03
N LEU C 194 15.52 34.62 3.40
CA LEU C 194 15.60 33.49 2.48
C LEU C 194 14.98 32.24 3.10
N VAL C 195 14.33 31.46 2.24
CA VAL C 195 13.79 30.16 2.62
C VAL C 195 14.42 29.16 1.66
N VAL C 196 15.08 28.16 2.21
CA VAL C 196 15.78 27.15 1.42
C VAL C 196 15.05 25.81 1.50
N PRO C 197 14.35 25.41 0.43
CA PRO C 197 13.73 24.07 0.45
C PRO C 197 14.71 22.97 0.10
N SER C 198 14.35 21.73 0.40
CA SER C 198 15.19 20.60 0.06
C SER C 198 15.26 20.35 -1.44
N HIS C 199 14.14 20.49 -2.15
CA HIS C 199 14.08 19.97 -3.52
C HIS C 199 13.72 20.96 -4.60
N SER C 200 13.69 22.24 -4.27
CA SER C 200 13.52 23.29 -5.29
C SER C 200 14.39 24.48 -4.92
N GLU C 201 14.37 25.51 -5.76
CA GLU C 201 15.34 26.58 -5.59
C GLU C 201 15.02 27.50 -4.40
N VAL C 202 16.06 28.16 -3.89
CA VAL C 202 15.94 29.16 -2.82
C VAL C 202 14.92 30.25 -3.17
N GLY C 203 14.13 30.69 -2.21
CA GLY C 203 13.22 31.82 -2.42
C GLY C 203 13.16 32.70 -1.20
N ASP C 204 12.12 33.54 -1.08
CA ASP C 204 11.96 34.34 0.12
C ASP C 204 10.75 33.84 0.94
N ALA C 205 10.26 34.64 1.86
CA ALA C 205 9.22 34.19 2.78
C ALA C 205 7.93 33.78 2.06
N SER C 206 7.78 34.18 0.81
CA SER C 206 6.59 33.80 0.06
C SER C 206 6.50 32.28 -0.09
N LEU C 207 7.62 31.57 0.02
CA LEU C 207 7.57 30.09 -0.03
C LEU C 207 6.78 29.49 1.13
N LEU C 208 6.69 30.20 2.24
CA LEU C 208 5.92 29.74 3.39
C LEU C 208 4.45 29.79 3.08
N LYS C 209 4.03 30.88 2.43
CA LYS C 209 2.65 31.02 1.98
C LYS C 209 2.29 29.93 0.96
N LEU C 210 3.13 29.76 -0.05
CA LEU C 210 2.91 28.73 -1.09
C LEU C 210 2.82 27.33 -0.46
N THR C 211 3.68 27.05 0.53
CA THR C 211 3.60 25.76 1.23
C THR C 211 2.25 25.57 1.92
N LEU C 212 1.80 26.60 2.63
CA LEU C 212 0.49 26.55 3.28
C LEU C 212 -0.60 26.28 2.25
N GLU C 213 -0.55 27.01 1.13
CA GLU C 213 -1.56 26.83 0.09
C GLU C 213 -1.55 25.41 -0.45
N GLN C 214 -0.36 24.85 -0.66
CA GLN C 214 -0.26 23.48 -1.17
C GLN C 214 -0.74 22.45 -0.15
N ALA C 215 -0.47 22.68 1.14
CA ALA C 215 -0.93 21.76 2.17
C ALA C 215 -2.46 21.75 2.24
N VAL C 216 -3.05 22.95 2.23
CA VAL C 216 -4.52 23.09 2.23
C VAL C 216 -5.13 22.42 1.02
N LYS C 217 -4.56 22.70 -0.15
CA LYS C 217 -5.05 22.11 -1.40
C LYS C 217 -4.90 20.59 -1.38
N GLY C 218 -3.76 20.11 -0.89
CA GLY C 218 -3.52 18.67 -0.82
C GLY C 218 -4.50 17.97 0.11
N LEU C 219 -4.84 18.59 1.23
CA LEU C 219 -5.82 17.97 2.11
C LEU C 219 -7.20 17.93 1.43
N ASN C 220 -7.58 19.04 0.80
CA ASN C 220 -8.85 19.11 0.08
C ASN C 220 -8.97 18.08 -1.04
N GLU C 221 -7.88 17.89 -1.80
CA GLU C 221 -7.86 16.91 -2.87
C GLU C 221 -8.03 15.50 -2.33
N SER C 222 -7.67 15.31 -1.07
CA SER C 222 -7.76 13.97 -0.48
C SER C 222 -9.20 13.63 -0.09
N LYS C 223 -10.10 14.61 -0.15
CA LYS C 223 -11.51 14.38 0.17
C LYS C 223 -12.39 14.32 -1.06
N LYS C 224 -11.83 14.63 -2.23
CA LYS C 224 -12.54 14.45 -3.49
C LYS C 224 -12.71 12.96 -3.82
N PRO C 225 -13.75 12.61 -4.60
CA PRO C 225 -13.93 11.23 -5.05
C PRO C 225 -13.03 10.87 -6.25
N SER C 226 -12.91 9.59 -6.56
CA SER C 226 -12.06 9.15 -7.67
C SER C 226 -12.83 8.95 -8.98
N ASN C 227 -12.09 8.85 -10.08
CA ASN C 227 -12.63 8.57 -11.42
C ASN C 227 -13.87 9.42 -11.76
N SER D 5 -6.96 12.93 22.14
CA SER D 5 -7.25 12.57 20.75
C SER D 5 -7.55 11.08 20.59
N LEU D 6 -7.83 10.42 21.71
CA LEU D 6 -8.19 8.99 21.76
C LEU D 6 -9.59 8.71 21.18
N PRO D 7 -9.74 7.60 20.44
CA PRO D 7 -11.04 7.23 19.86
C PRO D 7 -12.12 6.94 20.92
N ASP D 8 -13.38 7.02 20.51
CA ASP D 8 -14.50 6.81 21.42
C ASP D 8 -14.70 5.34 21.79
N LEU D 9 -15.27 5.12 22.97
CA LEU D 9 -15.75 3.80 23.35
C LEU D 9 -16.65 3.24 22.27
N LYS D 10 -16.43 2.00 21.86
CA LYS D 10 -17.36 1.37 20.94
C LYS D 10 -17.86 0.04 21.46
N ILE D 11 -19.10 -0.25 21.10
CA ILE D 11 -19.84 -1.41 21.60
C ILE D 11 -20.47 -2.14 20.42
N GLU D 12 -20.10 -3.41 20.25
CA GLU D 12 -20.62 -4.16 19.12
C GLU D 12 -20.99 -5.60 19.50
N LYS D 13 -22.06 -6.09 18.86
CA LYS D 13 -22.57 -7.42 19.14
C LYS D 13 -21.66 -8.52 18.56
N LEU D 14 -21.34 -9.51 19.38
CA LEU D 14 -20.47 -10.59 18.95
C LEU D 14 -21.28 -11.86 18.72
N ASP D 15 -22.33 -12.02 19.51
CA ASP D 15 -23.20 -13.20 19.45
C ASP D 15 -24.45 -12.88 20.27
N GLU D 16 -25.40 -13.80 20.30
CA GLU D 16 -26.60 -13.63 21.11
C GLU D 16 -26.20 -13.44 22.58
N GLY D 17 -26.55 -12.29 23.14
CA GLY D 17 -26.30 -11.97 24.52
C GLY D 17 -24.84 -11.68 24.87
N VAL D 18 -24.00 -11.48 23.85
CA VAL D 18 -22.59 -11.18 24.10
C VAL D 18 -22.11 -10.01 23.27
N TYR D 19 -21.65 -8.96 23.95
CA TYR D 19 -21.15 -7.76 23.28
C TYR D 19 -19.68 -7.55 23.63
N VAL D 20 -18.93 -6.97 22.68
CA VAL D 20 -17.54 -6.57 22.91
C VAL D 20 -17.44 -5.05 23.07
N HIS D 21 -16.84 -4.60 24.17
CA HIS D 21 -16.55 -3.17 24.31
C HIS D 21 -15.06 -2.89 24.15
N THR D 22 -14.73 -1.79 23.47
CA THR D 22 -13.33 -1.43 23.23
C THR D 22 -13.00 0.01 23.69
N SER D 23 -11.97 0.15 24.52
CA SER D 23 -11.49 1.47 24.95
C SER D 23 -10.00 1.66 24.61
N PHE D 24 -9.50 2.90 24.68
CA PHE D 24 -8.15 3.18 24.18
C PHE D 24 -7.33 4.03 25.16
N GLU D 25 -6.04 3.74 25.25
CA GLU D 25 -5.10 4.49 26.10
C GLU D 25 -3.76 4.68 25.43
N GLU D 26 -3.06 5.77 25.76
CA GLU D 26 -1.69 5.93 25.27
C GLU D 26 -0.70 5.28 26.26
N VAL D 27 0.02 4.29 25.76
CA VAL D 27 1.01 3.53 26.56
C VAL D 27 2.44 3.60 26.02
N ASN D 28 3.40 3.88 26.89
CA ASN D 28 4.82 4.00 26.54
C ASN D 28 5.44 2.86 25.75
N GLY D 29 6.08 3.21 24.65
CA GLY D 29 6.78 2.25 23.80
C GLY D 29 5.86 1.53 22.84
N TRP D 30 4.56 1.75 22.98
CA TRP D 30 3.58 1.03 22.19
C TRP D 30 2.68 1.94 21.34
N GLY D 31 2.29 3.09 21.89
CA GLY D 31 1.40 3.99 21.17
C GLY D 31 0.00 3.85 21.75
N VAL D 32 -1.01 4.15 20.95
CA VAL D 32 -2.40 3.96 21.39
C VAL D 32 -2.77 2.46 21.39
N VAL D 33 -3.15 1.96 22.57
CA VAL D 33 -3.47 0.54 22.78
C VAL D 33 -4.97 0.33 23.01
N PRO D 34 -5.62 -0.46 22.14
CA PRO D 34 -7.04 -0.81 22.37
C PRO D 34 -7.16 -1.90 23.46
N LYS D 35 -8.26 -1.87 24.21
CA LYS D 35 -8.56 -2.93 25.20
C LYS D 35 -9.96 -3.47 24.99
N HIS D 36 -10.06 -4.76 24.69
CA HIS D 36 -11.36 -5.39 24.53
C HIS D 36 -11.84 -6.03 25.84
N GLY D 37 -13.11 -5.82 26.17
CA GLY D 37 -13.78 -6.59 27.21
C GLY D 37 -15.13 -7.06 26.66
N LEU D 38 -15.90 -7.76 27.47
CA LEU D 38 -17.24 -8.21 27.06
C LEU D 38 -18.34 -7.66 27.95
N VAL D 39 -19.54 -7.61 27.43
CA VAL D 39 -20.74 -7.54 28.25
C VAL D 39 -21.58 -8.76 27.91
N VAL D 40 -21.95 -9.52 28.93
CA VAL D 40 -22.72 -10.74 28.79
C VAL D 40 -24.10 -10.53 29.40
N LEU D 41 -25.13 -10.90 28.63
CA LEU D 41 -26.51 -10.72 29.07
C LEU D 41 -27.14 -12.03 29.49
N VAL D 42 -27.73 -12.04 30.69
CA VAL D 42 -28.50 -13.19 31.15
C VAL D 42 -29.83 -12.71 31.71
N ASN D 43 -30.90 -12.93 30.96
CA ASN D 43 -32.26 -12.53 31.35
C ASN D 43 -32.34 -11.06 31.79
N ALA D 44 -31.97 -10.16 30.88
CA ALA D 44 -32.05 -8.72 31.10
C ALA D 44 -31.14 -8.25 32.22
N GLU D 45 -30.11 -9.05 32.51
CA GLU D 45 -29.05 -8.64 33.41
C GLU D 45 -27.70 -8.62 32.70
N ALA D 46 -26.89 -7.60 32.98
CA ALA D 46 -25.61 -7.44 32.32
C ALA D 46 -24.43 -7.72 33.25
N TYR D 47 -23.45 -8.45 32.73
CA TYR D 47 -22.20 -8.70 33.45
C TYR D 47 -21.04 -8.13 32.64
N LEU D 48 -20.22 -7.30 33.28
CA LEU D 48 -19.05 -6.76 32.60
C LEU D 48 -17.89 -7.74 32.70
N ILE D 49 -17.34 -8.16 31.56
CA ILE D 49 -16.10 -8.95 31.59
C ILE D 49 -14.97 -7.97 31.26
N ASP D 50 -14.24 -7.58 32.31
CA ASP D 50 -13.29 -6.45 32.31
C ASP D 50 -13.96 -5.09 32.18
N THR D 51 -13.36 -4.12 32.84
CA THR D 51 -13.77 -2.72 32.68
C THR D 51 -12.87 -2.02 31.67
N PRO D 52 -13.40 -0.98 31.01
CA PRO D 52 -12.55 -0.05 30.24
C PRO D 52 -11.44 0.55 31.08
N PHE D 53 -10.50 1.24 30.43
CA PHE D 53 -9.36 1.84 31.12
C PHE D 53 -9.78 2.79 32.25
N THR D 54 -10.80 3.59 31.97
CA THR D 54 -11.16 4.74 32.83
C THR D 54 -12.58 4.68 33.38
N ALA D 55 -12.82 5.43 34.45
CA ALA D 55 -14.16 5.53 35.03
C ALA D 55 -15.23 6.06 34.06
N LYS D 56 -14.95 7.12 33.34
CA LYS D 56 -15.99 7.68 32.46
C LYS D 56 -16.43 6.68 31.39
N ASP D 57 -15.47 5.95 30.81
CA ASP D 57 -15.81 4.96 29.79
C ASP D 57 -16.60 3.83 30.44
N THR D 58 -16.28 3.54 31.71
CA THR D 58 -17.04 2.54 32.43
C THR D 58 -18.49 3.02 32.61
N GLU D 59 -18.66 4.29 32.97
CA GLU D 59 -20.01 4.84 33.13
C GLU D 59 -20.82 4.86 31.83
N LYS D 60 -20.22 5.34 30.76
CA LYS D 60 -20.86 5.30 29.45
C LYS D 60 -21.31 3.87 29.13
N LEU D 61 -20.42 2.93 29.36
CA LEU D 61 -20.68 1.52 29.08
C LEU D 61 -21.91 1.05 29.85
N VAL D 62 -21.91 1.28 31.16
CA VAL D 62 -23.04 0.89 32.00
C VAL D 62 -24.32 1.61 31.58
N THR D 63 -24.22 2.91 31.33
CA THR D 63 -25.38 3.72 30.96
C THR D 63 -26.04 3.18 29.69
N TRP D 64 -25.20 2.80 28.73
CA TRP D 64 -25.65 2.27 27.45
C TRP D 64 -26.54 1.05 27.66
N PHE D 65 -26.18 0.20 28.61
CA PHE D 65 -26.96 -1.01 28.87
C PHE D 65 -28.15 -0.77 29.79
N VAL D 66 -27.99 0.08 30.80
CA VAL D 66 -29.09 0.39 31.70
C VAL D 66 -30.21 1.12 30.94
N GLU D 67 -29.83 2.04 30.06
CA GLU D 67 -30.80 2.79 29.27
C GLU D 67 -31.52 1.91 28.25
N ARG D 68 -30.99 0.71 28.01
CA ARG D 68 -31.65 -0.26 27.15
C ARG D 68 -32.37 -1.34 27.96
N GLY D 69 -32.52 -1.10 29.26
CA GLY D 69 -33.32 -1.97 30.11
C GLY D 69 -32.58 -3.06 30.86
N TYR D 70 -31.25 -3.03 30.81
CA TYR D 70 -30.43 -4.05 31.47
C TYR D 70 -29.83 -3.61 32.81
N LYS D 71 -30.15 -4.37 33.85
CA LYS D 71 -29.56 -4.16 35.17
C LYS D 71 -28.13 -4.72 35.22
N ILE D 72 -27.20 -3.94 35.75
CA ILE D 72 -25.81 -4.36 35.87
C ILE D 72 -25.64 -5.20 37.14
N LYS D 73 -25.39 -6.50 36.96
CA LYS D 73 -25.32 -7.43 38.08
C LYS D 73 -23.91 -7.51 38.65
N GLY D 74 -22.91 -7.24 37.82
CA GLY D 74 -21.53 -7.22 38.30
C GLY D 74 -20.45 -7.14 37.24
N SER D 75 -19.21 -7.00 37.70
CA SER D 75 -18.05 -7.00 36.82
C SER D 75 -16.96 -7.94 37.32
N ILE D 76 -16.18 -8.50 36.41
CA ILE D 76 -15.04 -9.30 36.82
C ILE D 76 -13.80 -8.82 36.06
N SER D 77 -12.68 -8.73 36.76
CA SER D 77 -11.43 -8.25 36.17
C SER D 77 -10.49 -9.41 35.89
N SER D 78 -9.96 -9.47 34.67
CA SER D 78 -9.13 -10.61 34.25
C SER D 78 -7.68 -10.59 34.78
N HIS D 79 -7.18 -9.40 35.18
CA HIS D 79 -5.88 -9.29 35.85
C HIS D 79 -5.65 -7.92 36.53
N PHE D 80 -4.54 -7.76 37.26
CA PHE D 80 -4.42 -6.60 38.15
C PHE D 80 -3.96 -5.32 37.48
N HIS D 81 -3.38 -5.40 36.27
CA HIS D 81 -2.95 -4.20 35.56
C HIS D 81 -4.19 -3.34 35.35
N SER D 82 -4.01 -2.03 35.18
CA SER D 82 -5.15 -1.11 35.11
C SER D 82 -5.98 -1.25 33.80
N ASP D 83 -5.47 -1.94 32.76
CA ASP D 83 -6.28 -2.13 31.53
C ASP D 83 -7.43 -3.12 31.78
N SER D 84 -7.43 -3.78 32.93
CA SER D 84 -8.53 -4.64 33.37
C SER D 84 -9.25 -4.07 34.60
N THR D 85 -8.54 -3.19 35.27
CA THR D 85 -8.98 -2.53 36.46
C THR D 85 -9.15 -0.99 36.24
N GLY D 86 -10.38 -0.64 35.87
CA GLY D 86 -10.72 0.74 35.58
C GLY D 86 -10.84 1.76 36.70
N GLY D 87 -12.08 2.00 37.15
CA GLY D 87 -13.24 1.27 36.66
C GLY D 87 -13.91 0.53 37.83
N ILE D 88 -13.13 -0.29 38.52
CA ILE D 88 -13.63 -1.04 39.68
C ILE D 88 -14.13 -0.04 40.71
N GLU D 89 -13.31 0.98 40.91
CA GLU D 89 -13.59 2.04 41.86
C GLU D 89 -14.92 2.71 41.56
N TRP D 90 -15.14 3.06 40.30
CA TRP D 90 -16.40 3.68 39.91
C TRP D 90 -17.58 2.75 40.15
N LEU D 91 -17.42 1.48 39.79
CA LEU D 91 -18.47 0.49 40.01
C LEU D 91 -18.80 0.29 41.49
N ASN D 92 -17.76 0.26 42.34
CA ASN D 92 -17.96 0.14 43.80
C ASN D 92 -18.84 1.24 44.36
N SER D 93 -18.59 2.47 43.94
CA SER D 93 -19.32 3.65 44.40
C SER D 93 -20.79 3.61 44.02
N ARG D 94 -21.12 2.81 43.01
CA ARG D 94 -22.49 2.67 42.56
C ARG D 94 -23.11 1.40 43.11
N SER D 95 -22.40 0.77 44.05
CA SER D 95 -22.85 -0.47 44.67
C SER D 95 -23.11 -1.58 43.65
N ILE D 96 -22.35 -1.58 42.56
CA ILE D 96 -22.35 -2.69 41.62
C ILE D 96 -21.25 -3.67 42.05
N PRO D 97 -21.61 -4.94 42.30
CA PRO D 97 -20.62 -5.93 42.74
C PRO D 97 -19.44 -6.07 41.77
N THR D 98 -18.24 -6.03 42.31
CA THR D 98 -17.04 -6.23 41.52
C THR D 98 -16.32 -7.50 41.96
N TYR D 99 -15.81 -8.26 40.98
CA TYR D 99 -15.19 -9.56 41.25
C TYR D 99 -13.76 -9.57 40.70
N ALA D 100 -12.85 -10.22 41.42
CA ALA D 100 -11.49 -10.47 40.95
C ALA D 100 -10.92 -11.62 41.75
N SER D 101 -9.87 -12.25 41.24
CA SER D 101 -9.23 -13.32 42.01
C SER D 101 -8.61 -12.78 43.28
N GLU D 102 -8.36 -13.67 44.24
CA GLU D 102 -7.65 -13.32 45.45
C GLU D 102 -6.27 -12.73 45.10
N LEU D 103 -5.59 -13.35 44.15
CA LEU D 103 -4.25 -12.89 43.72
C LEU D 103 -4.29 -11.49 43.10
N THR D 104 -5.27 -11.27 42.22
CA THR D 104 -5.48 -9.96 41.62
C THR D 104 -5.70 -8.89 42.69
N ASN D 105 -6.59 -9.17 43.64
CA ASN D 105 -6.86 -8.22 44.73
C ASN D 105 -5.61 -7.96 45.56
N GLU D 106 -4.80 -8.99 45.77
CA GLU D 106 -3.56 -8.86 46.50
C GLU D 106 -2.63 -7.91 45.75
N LEU D 107 -2.59 -8.05 44.42
CA LEU D 107 -1.74 -7.20 43.60
C LEU D 107 -2.29 -5.78 43.52
N LEU D 108 -3.62 -5.64 43.46
CA LEU D 108 -4.24 -4.32 43.53
C LEU D 108 -3.89 -3.62 44.84
N LYS D 109 -3.97 -4.37 45.95
CA LYS D 109 -3.68 -3.81 47.26
C LYS D 109 -2.22 -3.36 47.35
N LYS D 110 -1.32 -4.20 46.86
CA LYS D 110 0.11 -3.89 46.89
C LYS D 110 0.44 -2.59 46.12
N ASP D 111 -0.28 -2.34 45.04
CA ASP D 111 -0.07 -1.10 44.27
C ASP D 111 -0.89 0.08 44.76
N GLY D 112 -1.54 -0.08 45.91
CA GLY D 112 -2.34 0.99 46.48
C GLY D 112 -3.56 1.32 45.64
N LYS D 113 -4.08 0.32 44.94
CA LYS D 113 -5.25 0.52 44.08
C LYS D 113 -6.50 -0.01 44.80
N VAL D 114 -7.66 0.50 44.40
CA VAL D 114 -8.94 0.04 44.95
C VAL D 114 -9.22 -1.42 44.58
N GLN D 115 -9.71 -2.20 45.55
CA GLN D 115 -9.98 -3.63 45.32
C GLN D 115 -11.44 -3.96 44.92
N ALA D 116 -11.62 -5.12 44.29
CA ALA D 116 -12.97 -5.66 44.09
C ALA D 116 -13.57 -6.08 45.43
N THR D 117 -14.90 -5.96 45.56
CA THR D 117 -15.65 -6.33 46.76
C THR D 117 -15.91 -7.84 46.87
N ASN D 118 -15.73 -8.57 45.79
CA ASN D 118 -15.85 -10.02 45.84
C ASN D 118 -14.57 -10.63 45.32
N SER D 119 -14.02 -11.57 46.06
CA SER D 119 -12.82 -12.23 45.56
C SER D 119 -13.15 -13.71 45.44
N PHE D 120 -12.41 -14.38 44.57
CA PHE D 120 -12.55 -15.83 44.43
C PHE D 120 -11.14 -16.40 44.40
N SER D 121 -10.99 -17.61 44.92
CA SER D 121 -9.72 -18.30 44.87
C SER D 121 -9.98 -19.68 44.35
N GLY D 122 -8.95 -20.34 43.84
CA GLY D 122 -9.19 -21.65 43.27
C GLY D 122 -9.01 -21.56 41.78
N VAL D 123 -9.03 -22.72 41.13
CA VAL D 123 -8.79 -22.81 39.70
C VAL D 123 -10.03 -22.38 38.93
N ASN D 124 -11.19 -22.78 39.40
CA ASN D 124 -12.46 -22.46 38.76
C ASN D 124 -13.41 -21.65 39.63
N TYR D 125 -14.19 -20.80 39.01
CA TYR D 125 -15.24 -20.06 39.71
C TYR D 125 -16.39 -19.75 38.77
N TRP D 126 -17.60 -20.14 39.14
CA TRP D 126 -18.79 -19.81 38.35
C TRP D 126 -19.37 -18.51 38.84
N LEU D 127 -19.24 -17.46 38.03
CA LEU D 127 -19.88 -16.19 38.31
C LEU D 127 -21.38 -16.38 38.12
N VAL D 128 -21.74 -17.03 37.02
CA VAL D 128 -23.10 -17.46 36.75
C VAL D 128 -23.02 -18.89 36.22
N LYS D 129 -23.40 -19.88 37.04
CA LYS D 129 -23.10 -21.26 36.65
C LYS D 129 -23.85 -21.69 35.39
N ASN D 130 -23.13 -22.45 34.57
CA ASN D 130 -23.54 -22.88 33.23
C ASN D 130 -23.65 -21.71 32.25
N LYS D 131 -23.23 -20.51 32.66
CA LYS D 131 -23.24 -19.37 31.75
C LYS D 131 -21.94 -18.57 31.74
N ILE D 132 -21.39 -18.28 32.91
CA ILE D 132 -20.15 -17.51 32.98
C ILE D 132 -19.16 -18.15 33.96
N GLU D 133 -18.10 -18.72 33.42
CA GLU D 133 -17.09 -19.41 34.21
C GLU D 133 -15.77 -18.65 34.20
N VAL D 134 -15.08 -18.65 35.33
CA VAL D 134 -13.76 -18.04 35.39
C VAL D 134 -12.75 -19.17 35.61
N PHE D 135 -11.67 -19.13 34.87
CA PHE D 135 -10.65 -20.16 34.97
C PHE D 135 -9.24 -19.58 35.04
N TYR D 136 -8.46 -20.09 35.98
CA TYR D 136 -7.06 -19.73 36.14
C TYR D 136 -6.14 -20.79 35.55
N PRO D 137 -5.48 -20.47 34.42
CA PRO D 137 -4.63 -21.45 33.73
C PRO D 137 -3.22 -21.56 34.35
N GLY D 138 -2.88 -20.69 35.29
CA GLY D 138 -1.53 -20.61 35.78
C GLY D 138 -0.91 -19.30 35.34
N PRO D 139 0.27 -18.95 35.87
CA PRO D 139 0.94 -17.70 35.52
C PRO D 139 1.32 -17.61 34.04
N GLY D 140 1.24 -16.42 33.46
CA GLY D 140 1.69 -16.20 32.10
C GLY D 140 2.07 -14.75 31.92
N HIS D 141 1.20 -13.98 31.26
CA HIS D 141 1.39 -12.54 31.14
C HIS D 141 1.54 -11.87 32.52
N THR D 142 0.75 -12.33 33.48
CA THR D 142 0.89 -11.90 34.87
C THR D 142 0.69 -13.12 35.77
N PRO D 143 1.05 -13.02 37.06
CA PRO D 143 0.82 -14.20 37.90
C PRO D 143 -0.67 -14.51 38.10
N ASP D 144 -1.52 -13.50 37.95
CA ASP D 144 -2.93 -13.59 38.33
C ASP D 144 -3.92 -13.67 37.17
N ASN D 145 -3.41 -13.69 35.93
CA ASN D 145 -4.31 -13.61 34.78
C ASN D 145 -5.31 -14.78 34.75
N VAL D 146 -6.59 -14.47 34.53
CA VAL D 146 -7.63 -15.49 34.39
C VAL D 146 -8.34 -15.29 33.07
N VAL D 147 -9.07 -16.32 32.64
CA VAL D 147 -9.87 -16.25 31.43
C VAL D 147 -11.32 -16.48 31.81
N VAL D 148 -12.23 -16.11 30.93
CA VAL D 148 -13.67 -16.25 31.18
C VAL D 148 -14.32 -17.00 30.03
N TRP D 149 -15.07 -18.03 30.37
CA TRP D 149 -15.68 -18.97 29.42
C TRP D 149 -17.20 -18.89 29.44
N LEU D 150 -17.80 -18.78 28.25
CA LEU D 150 -19.25 -18.76 28.10
C LEU D 150 -19.71 -20.04 27.43
N PRO D 151 -20.06 -21.07 28.23
CA PRO D 151 -20.34 -22.43 27.75
C PRO D 151 -21.49 -22.47 26.74
N GLU D 152 -22.47 -21.58 26.89
CA GLU D 152 -23.60 -21.56 25.98
C GLU D 152 -23.20 -21.23 24.55
N ARG D 153 -22.14 -20.43 24.43
CA ARG D 153 -21.77 -19.85 23.15
C ARG D 153 -20.44 -20.37 22.64
N LYS D 154 -19.75 -21.14 23.49
CA LYS D 154 -18.41 -21.62 23.18
C LYS D 154 -17.47 -20.43 22.91
N ILE D 155 -17.60 -19.39 23.73
CA ILE D 155 -16.76 -18.19 23.59
C ILE D 155 -15.81 -18.04 24.77
N LEU D 156 -14.52 -17.90 24.47
CA LEU D 156 -13.51 -17.70 25.50
C LEU D 156 -12.98 -16.26 25.49
N PHE D 157 -13.11 -15.56 26.62
CA PHE D 157 -12.41 -14.29 26.78
C PHE D 157 -11.03 -14.54 27.36
N GLY D 158 -10.00 -14.21 26.59
CA GLY D 158 -8.63 -14.57 26.94
C GLY D 158 -7.83 -13.57 27.76
N GLY D 159 -8.35 -12.35 27.93
CA GLY D 159 -7.64 -11.33 28.66
C GLY D 159 -6.26 -11.07 28.06
N CYS D 160 -5.30 -10.72 28.90
CA CYS D 160 -3.96 -10.43 28.39
C CYS D 160 -3.10 -11.69 28.33
N PHE D 161 -3.69 -12.83 28.65
CA PHE D 161 -3.00 -14.13 28.54
C PHE D 161 -2.82 -14.56 27.07
N ILE D 162 -3.80 -14.27 26.23
CA ILE D 162 -3.73 -14.68 24.81
C ILE D 162 -2.85 -13.70 24.05
N LYS D 163 -1.71 -14.18 23.57
CA LYS D 163 -0.72 -13.32 22.94
C LYS D 163 -0.18 -14.01 21.70
N PRO D 164 -0.96 -13.99 20.62
CA PRO D 164 -0.68 -14.83 19.45
C PRO D 164 0.47 -14.34 18.58
N TYR D 165 0.88 -13.09 18.72
CA TYR D 165 1.88 -12.54 17.81
C TYR D 165 3.09 -11.96 18.54
N GLY D 166 3.26 -12.35 19.80
CA GLY D 166 4.30 -11.77 20.64
C GLY D 166 3.78 -11.53 22.05
N LEU D 167 4.64 -11.75 23.04
CA LEU D 167 4.23 -11.77 24.46
C LEU D 167 4.00 -10.40 25.09
N GLY D 168 4.44 -9.34 24.42
CA GLY D 168 4.25 -7.99 24.93
C GLY D 168 5.14 -7.61 26.10
N ASN D 169 4.60 -6.80 27.00
CA ASN D 169 5.36 -6.32 28.16
C ASN D 169 5.58 -7.43 29.18
N LEU D 170 6.85 -7.79 29.38
CA LEU D 170 7.23 -8.89 30.25
C LEU D 170 7.56 -8.47 31.69
N GLY D 171 7.28 -7.22 32.03
CA GLY D 171 7.62 -6.67 33.34
C GLY D 171 7.13 -7.51 34.52
N ASP D 172 5.90 -8.00 34.42
CA ASP D 172 5.32 -8.80 35.49
C ASP D 172 5.10 -10.24 35.04
N ALA D 173 5.70 -10.61 33.91
CA ALA D 173 5.42 -11.92 33.33
C ALA D 173 6.22 -13.03 34.02
N ASN D 174 5.71 -14.25 33.90
CA ASN D 174 6.39 -15.43 34.36
C ASN D 174 6.70 -16.31 33.15
N ILE D 175 7.87 -16.07 32.54
CA ILE D 175 8.22 -16.71 31.29
C ILE D 175 8.43 -18.21 31.46
N GLU D 176 8.83 -18.63 32.66
CA GLU D 176 9.04 -20.05 32.94
C GLU D 176 7.73 -20.84 32.94
N ALA D 177 6.68 -20.22 33.48
CA ALA D 177 5.40 -20.89 33.68
C ALA D 177 4.47 -20.80 32.48
N TRP D 178 4.64 -19.74 31.69
CA TRP D 178 3.69 -19.44 30.62
C TRP D 178 3.47 -20.60 29.65
N PRO D 179 4.54 -21.32 29.23
CA PRO D 179 4.25 -22.46 28.35
C PRO D 179 3.35 -23.53 28.98
N LYS D 180 3.59 -23.87 30.25
CA LYS D 180 2.75 -24.85 30.92
C LYS D 180 1.32 -24.35 31.08
N SER D 181 1.19 -23.07 31.43
CA SER D 181 -0.12 -22.46 31.59
C SER D 181 -0.89 -22.46 30.27
N ALA D 182 -0.19 -22.11 29.19
CA ALA D 182 -0.79 -22.03 27.87
C ALA D 182 -1.21 -23.40 27.35
N LYS D 183 -0.43 -24.42 27.69
CA LYS D 183 -0.75 -25.78 27.25
C LYS D 183 -2.03 -26.23 27.91
N LEU D 184 -2.17 -25.91 29.18
CA LEU D 184 -3.35 -26.29 29.96
C LEU D 184 -4.60 -25.57 29.46
N LEU D 185 -4.46 -24.31 29.08
CA LEU D 185 -5.60 -23.56 28.55
C LEU D 185 -6.06 -24.17 27.23
N LYS D 186 -5.09 -24.47 26.37
CA LYS D 186 -5.37 -25.05 25.06
C LYS D 186 -6.09 -26.39 25.19
N SER D 187 -5.64 -27.24 26.11
CA SER D 187 -6.27 -28.54 26.30
C SER D 187 -7.71 -28.40 26.78
N LYS D 188 -7.93 -27.44 27.68
CA LYS D 188 -9.27 -27.24 28.26
C LYS D 188 -10.31 -26.63 27.30
N TYR D 189 -9.90 -25.67 26.48
CA TYR D 189 -10.88 -24.94 25.68
C TYR D 189 -10.67 -25.06 24.17
N GLY D 190 -10.08 -26.17 23.74
CA GLY D 190 -9.87 -26.44 22.32
C GLY D 190 -11.12 -26.37 21.47
N LYS D 191 -12.28 -26.61 22.08
CA LYS D 191 -13.58 -26.60 21.39
C LYS D 191 -14.21 -25.21 21.23
N ALA D 192 -13.49 -24.16 21.65
CA ALA D 192 -14.00 -22.79 21.57
C ALA D 192 -14.31 -22.40 20.13
N LYS D 193 -15.44 -21.73 19.94
CA LYS D 193 -15.78 -21.16 18.65
C LYS D 193 -14.97 -19.89 18.44
N LEU D 194 -14.98 -19.02 19.44
CA LEU D 194 -14.29 -17.75 19.37
C LEU D 194 -13.36 -17.56 20.56
N VAL D 195 -12.24 -16.90 20.31
CA VAL D 195 -11.33 -16.49 21.37
C VAL D 195 -11.13 -14.97 21.28
N VAL D 196 -11.43 -14.28 22.37
CA VAL D 196 -11.36 -12.82 22.40
C VAL D 196 -10.19 -12.35 23.26
N PRO D 197 -9.10 -11.89 22.64
CA PRO D 197 -7.98 -11.34 23.42
C PRO D 197 -8.26 -9.90 23.85
N SER D 198 -7.46 -9.43 24.80
CA SER D 198 -7.59 -8.05 25.28
C SER D 198 -7.13 -6.99 24.29
N HIS D 199 -6.01 -7.27 23.61
CA HIS D 199 -5.31 -6.25 22.85
C HIS D 199 -5.04 -6.64 21.40
N SER D 200 -5.63 -7.74 20.95
CA SER D 200 -5.62 -8.06 19.53
C SER D 200 -7.00 -8.57 19.11
N GLU D 201 -7.19 -8.82 17.83
CA GLU D 201 -8.54 -9.08 17.33
C GLU D 201 -9.07 -10.45 17.69
N VAL D 202 -10.39 -10.59 17.65
CA VAL D 202 -11.08 -11.88 17.81
C VAL D 202 -10.58 -12.94 16.82
N GLY D 203 -10.40 -14.17 17.30
CA GLY D 203 -10.07 -15.28 16.42
C GLY D 203 -10.80 -16.54 16.87
N ASP D 204 -10.36 -17.69 16.39
CA ASP D 204 -10.98 -18.93 16.84
C ASP D 204 -9.97 -19.64 17.72
N ALA D 205 -10.18 -20.94 17.93
CA ALA D 205 -9.35 -21.68 18.88
C ALA D 205 -7.87 -21.69 18.51
N SER D 206 -7.55 -21.36 17.25
CA SER D 206 -6.14 -21.35 16.83
C SER D 206 -5.31 -20.32 17.61
N LEU D 207 -5.96 -19.32 18.19
CA LEU D 207 -5.25 -18.34 19.03
C LEU D 207 -4.64 -19.00 20.27
N LEU D 208 -5.22 -20.11 20.72
CA LEU D 208 -4.69 -20.86 21.85
C LEU D 208 -3.37 -21.52 21.46
N LYS D 209 -3.35 -22.08 20.26
CA LYS D 209 -2.15 -22.69 19.70
C LYS D 209 -1.03 -21.64 19.54
N LEU D 210 -1.34 -20.51 18.89
CA LEU D 210 -0.35 -19.45 18.70
C LEU D 210 0.23 -18.95 20.02
N THR D 211 -0.63 -18.81 21.03
CA THR D 211 -0.18 -18.37 22.34
C THR D 211 0.84 -19.35 22.90
N LEU D 212 0.53 -20.65 22.82
CA LEU D 212 1.45 -21.66 23.30
C LEU D 212 2.81 -21.54 22.59
N GLU D 213 2.77 -21.38 21.28
CA GLU D 213 4.00 -21.27 20.50
C GLU D 213 4.82 -20.05 20.90
N GLN D 214 4.16 -18.92 21.12
CA GLN D 214 4.84 -17.68 21.51
C GLN D 214 5.43 -17.79 22.91
N ALA D 215 4.75 -18.51 23.80
CA ALA D 215 5.24 -18.72 25.15
C ALA D 215 6.52 -19.55 25.11
N VAL D 216 6.48 -20.65 24.36
CA VAL D 216 7.65 -21.50 24.15
C VAL D 216 8.80 -20.72 23.52
N LYS D 217 8.49 -19.97 22.47
CA LYS D 217 9.49 -19.15 21.78
C LYS D 217 10.11 -18.12 22.72
N GLY D 218 9.27 -17.47 23.51
CA GLY D 218 9.72 -16.47 24.46
C GLY D 218 10.58 -17.06 25.57
N LEU D 219 10.25 -18.27 25.99
CA LEU D 219 11.02 -18.93 27.03
C LEU D 219 12.44 -19.23 26.53
N ASN D 220 12.55 -19.67 25.28
CA ASN D 220 13.84 -20.00 24.68
C ASN D 220 14.85 -18.85 24.68
N GLU D 221 14.40 -17.65 24.32
CA GLU D 221 15.25 -16.46 24.40
C GLU D 221 15.43 -15.97 25.84
ZN ZN E . -6.91 -2.43 3.57
ZN ZN F . -5.54 -4.67 5.95
C13 60M G . -6.50 -2.06 10.58
C14 60M G . -7.48 -2.78 9.83
O01 60M G . -7.73 -4.58 6.62
C02 60M G . -8.14 -3.95 7.68
O03 60M G . -9.38 -3.97 7.96
C04 60M G . -7.12 -3.19 8.54
N05 60M G . -5.94 -2.95 7.98
C06 60M G . -4.97 -2.26 8.65
C07 60M G . -3.65 -2.00 7.98
P08 60M G . -3.61 -0.31 6.99
O09 60M G . -4.92 -0.38 6.21
O10 60M G . -2.37 -0.32 6.10
O11 60M G . -3.55 0.77 8.07
C12 60M G . -5.24 -1.80 9.97
ZN ZN H . 0.35 -5.86 -40.37
ZN ZN I . 0.03 -8.37 -38.06
C13 60M J . 2.98 -8.33 -44.44
C14 60M J . 1.59 -8.45 -44.16
O01 60M J . -1.11 -8.84 -43.13
C02 60M J . -0.32 -8.03 -42.52
O03 60M J . -0.78 -7.31 -41.57
C04 60M J . 1.16 -7.94 -42.91
N05 60M J . 1.95 -7.35 -42.02
C06 60M J . 3.29 -7.21 -42.25
C07 60M J . 4.16 -6.56 -41.22
P08 60M J . 4.96 -7.78 -39.90
O09 60M J . 3.74 -8.51 -39.36
O10 60M J . 5.92 -8.64 -40.71
O11 60M J . 5.66 -6.93 -38.86
C12 60M J . 3.83 -7.70 -43.47
CL CL K . 15.62 1.67 -37.70
C1 EDO L . -4.01 1.51 -51.82
O1 EDO L . -5.15 2.32 -51.59
C2 EDO L . -3.28 0.99 -50.59
O2 EDO L . -2.95 -0.40 -50.74
H11 EDO L . -4.30 0.67 -52.45
H12 EDO L . -3.30 2.10 -52.41
HO1 EDO L . -5.79 1.82 -51.07
H21 EDO L . -2.38 1.55 -50.43
H22 EDO L . -3.91 1.11 -49.72
HO2 EDO L . -3.75 -0.92 -50.81
ZN ZN M . 11.66 13.28 3.10
ZN ZN N . 13.43 15.18 0.84
C1 EDO O . 26.15 32.12 11.46
O1 EDO O . 25.02 32.99 11.58
C2 EDO O . 26.40 31.82 9.99
O2 EDO O . 26.59 33.05 9.26
ZN ZN P . -1.34 -6.80 31.86
ZN ZN Q . -2.56 -5.70 28.90
C1 EDO R . -8.22 -6.14 10.84
O1 EDO R . -9.33 -6.93 11.25
C2 EDO R . -7.41 -5.62 12.01
O2 EDO R . -6.59 -6.66 12.55
#